data_4KX8
#
_entry.id   4KX8
#
_cell.length_a   142.742
_cell.length_b   142.742
_cell.length_c   237.811
_cell.angle_alpha   90.00
_cell.angle_beta   90.00
_cell.angle_gamma   120.00
#
_symmetry.space_group_name_H-M   'P 64 2 2'
#
loop_
_entity.id
_entity.type
_entity.pdbx_description
1 polymer 'Glutamyl aminopeptidase'
2 polymer amastatin
3 branched 2-acetamido-2-deoxy-beta-D-glucopyranose-(1-4)-2-acetamido-2-deoxy-beta-D-glucopyranose
4 branched 2-acetamido-2-deoxy-beta-D-glucopyranose-(1-4)-2-acetamido-2-deoxy-beta-D-glucopyranose-(1-4)-2-acetamido-2-deoxy-beta-D-glucopyranose
5 non-polymer 'ZINC ION'
6 non-polymer 2-acetamido-2-deoxy-beta-D-glucopyranose
7 water water
#
loop_
_entity_poly.entity_id
_entity_poly.type
_entity_poly.pdbx_seq_one_letter_code
_entity_poly.pdbx_strand_id
1 'polypeptide(L)'
;DICPASEDESGQWKNFRLPDFVNPVHYDLHVKPLLEEDTYTGTVSISINLSAPTRYLWLHLRETRITRLPELKRPSGDQV
QVRRCFEYKKQEYVVVEAEEELTPSSGDGLYLLTMEFAGWLNGSLVGFYRTTYTENGRVKSIAATDHEPTDARKSFPCFD
EPNKKATYTISITHPKEYGALSNMPVAKEESVDDKWTRTTFEKSVPMSTYLVCFAVHQFDSVKRISNSGKPLTIYVQPEQ
KHTAEYAANITKSVFDYFEEYFAMNYSLPKLDKIAIPDFGTGAMENWGLITYRETNLLYDPKESASSNQQRVATVVAHEL
VHQWFGNIVTMDWWEDLWLNEGFASFFEFLGVNHAETDWQMRDQMLLEDVLPVQEDDSLMSSHPIIVTVTTPDEITSVFD
GISYSKGSSILRMLEDWIKPENFQKGCQMYLEKYQFKNAKTSDFWAALEEASRLPVKEVMDTWTRQMGYPVLNVNGVKNI
TQKRFLLDPRANPSQPPSDLGYTWNIPVKWTEDNITSSVLFNRSEKEGITLNSSNPSGNAFLKINPDHIGFYRVNYEVAT
WDSIATALSLNHKTFSSADRASLIDDAFALARAQLLDYKVALNLTKYLKREENFLPWQRVISAVTYIISMFEDDKELYPM
IEEYFQGQVKPIADSLGWNDAGDHVTKLLRSSVLGFACKMGDREALNNASSLFEQWLNGTVSLPVNLRLLVYRYGMQNSG
NEISWNYTLEQYQKTSLAQEKEKLLYGLASVKNVTLLSRYLDLLKDTNLIKTQDVFTVIRYISYNSYGKNMAWNWIQLNW
DYLVNRYTLNNRNLGRIVTIAEPFNTELQLWQMESFFAKYPQAGAGEKPREQVLETVKNNIEWLKQHRNTIREWFFNLLE
SGHHHHHH
;
A
2 'polypeptide(L)' (L2O)VVD C
#
# COMPACT_ATOMS: atom_id res chain seq x y z
N ASP A 1 -8.87 -16.25 -33.32
CA ASP A 1 -8.76 -16.99 -34.62
C ASP A 1 -8.46 -18.49 -34.42
N ILE A 2 -7.37 -18.82 -33.72
CA ILE A 2 -6.98 -20.22 -33.50
C ILE A 2 -7.71 -20.89 -32.31
N CYS A 3 -7.88 -20.17 -31.20
CA CYS A 3 -8.87 -20.56 -30.19
C CYS A 3 -9.90 -19.46 -30.15
N PRO A 4 -10.88 -19.50 -31.08
CA PRO A 4 -11.82 -18.39 -31.16
C PRO A 4 -12.60 -18.26 -29.84
N ALA A 5 -13.07 -17.04 -29.57
CA ALA A 5 -13.95 -16.81 -28.42
C ALA A 5 -15.23 -17.60 -28.65
N SER A 6 -15.77 -18.19 -27.59
CA SER A 6 -17.10 -18.81 -27.64
C SER A 6 -17.91 -18.48 -26.40
N GLU A 7 -19.20 -18.28 -26.60
CA GLU A 7 -20.12 -17.96 -25.52
C GLU A 7 -20.73 -19.19 -24.86
N ASP A 8 -20.15 -20.36 -25.13
CA ASP A 8 -20.61 -21.64 -24.60
C ASP A 8 -20.40 -21.73 -23.08
N GLU A 9 -21.50 -21.71 -22.34
CA GLU A 9 -21.49 -21.70 -20.87
C GLU A 9 -21.57 -23.09 -20.22
N SER A 10 -22.07 -24.07 -20.97
CA SER A 10 -22.35 -25.40 -20.41
C SER A 10 -21.08 -26.23 -20.17
N GLY A 11 -20.40 -25.92 -19.08
CA GLY A 11 -19.21 -26.64 -18.64
C GLY A 11 -18.70 -25.99 -17.37
N GLN A 12 -17.72 -26.63 -16.73
CA GLN A 12 -17.20 -26.13 -15.45
C GLN A 12 -16.44 -24.80 -15.58
N TRP A 13 -16.02 -24.46 -16.81
CA TRP A 13 -15.29 -23.20 -17.05
C TRP A 13 -16.13 -21.93 -16.86
N LYS A 14 -17.45 -22.07 -16.66
CA LYS A 14 -18.27 -20.89 -16.35
C LYS A 14 -18.01 -20.41 -14.92
N ASN A 15 -17.48 -21.32 -14.08
CA ASN A 15 -17.15 -21.00 -12.69
C ASN A 15 -15.94 -20.10 -12.65
N PHE A 16 -16.04 -19.08 -11.81
CA PHE A 16 -14.99 -18.10 -11.58
C PHE A 16 -13.74 -18.78 -11.02
N ARG A 17 -13.94 -19.71 -10.10
CA ARG A 17 -12.82 -20.40 -9.50
C ARG A 17 -12.45 -21.61 -10.33
N LEU A 18 -11.14 -21.88 -10.44
CA LEU A 18 -10.62 -23.10 -11.09
C LEU A 18 -11.14 -24.31 -10.34
N PRO A 19 -11.26 -25.47 -11.03
CA PRO A 19 -11.73 -26.68 -10.34
C PRO A 19 -10.72 -27.25 -9.37
N ASP A 20 -11.21 -28.06 -8.45
CA ASP A 20 -10.43 -28.73 -7.42
C ASP A 20 -9.51 -29.81 -7.99
N PHE A 21 -9.96 -30.45 -9.06
CA PHE A 21 -9.37 -31.70 -9.52
C PHE A 21 -8.22 -31.56 -10.53
N VAL A 22 -7.94 -30.34 -10.96
CA VAL A 22 -6.83 -30.09 -11.87
C VAL A 22 -5.74 -29.32 -11.15
N ASN A 23 -4.52 -29.86 -11.25
CA ASN A 23 -3.42 -29.40 -10.42
C ASN A 23 -2.07 -29.43 -11.12
N PRO A 24 -1.36 -28.29 -11.13
CA PRO A 24 -0.05 -28.27 -11.76
C PRO A 24 1.04 -28.72 -10.79
N VAL A 25 2.13 -29.28 -11.34
CA VAL A 25 3.27 -29.71 -10.54
C VAL A 25 4.51 -28.96 -11.02
N HIS A 26 4.66 -28.87 -12.35
CA HIS A 26 5.84 -28.26 -12.95
C HIS A 26 5.58 -27.47 -14.22
N TYR A 27 6.16 -26.27 -14.27
CA TYR A 27 6.14 -25.40 -15.45
C TYR A 27 7.50 -25.40 -16.17
N ASP A 28 7.46 -25.75 -17.47
CA ASP A 28 8.58 -25.58 -18.39
C ASP A 28 8.28 -24.35 -19.24
N LEU A 29 8.92 -23.23 -18.92
CA LEU A 29 8.58 -21.96 -19.56
C LEU A 29 9.71 -21.28 -20.33
N HIS A 30 9.44 -21.04 -21.62
CA HIS A 30 10.36 -20.33 -22.50
C HIS A 30 9.71 -19.12 -23.17
N VAL A 31 10.39 -17.98 -23.09
CA VAL A 31 9.98 -16.75 -23.77
C VAL A 31 11.12 -16.15 -24.57
N LYS A 32 10.76 -15.58 -25.72
CA LYS A 32 11.70 -14.87 -26.55
C LYS A 32 11.11 -13.51 -26.91
N PRO A 33 11.62 -12.43 -26.29
CA PRO A 33 11.15 -11.09 -26.66
C PRO A 33 11.76 -10.59 -27.97
N LEU A 34 10.96 -9.93 -28.80
CA LEU A 34 11.49 -9.06 -29.84
C LEU A 34 11.47 -7.60 -29.30
N LEU A 35 12.49 -7.23 -28.52
CA LEU A 35 12.50 -5.93 -27.81
C LEU A 35 12.13 -4.73 -28.68
N GLU A 36 12.80 -4.58 -29.82
CA GLU A 36 12.55 -3.43 -30.66
C GLU A 36 11.19 -3.50 -31.39
N GLU A 37 10.55 -4.67 -31.34
CA GLU A 37 9.25 -4.86 -32.00
C GLU A 37 8.07 -4.75 -31.03
N ASP A 38 8.39 -4.79 -29.73
CA ASP A 38 7.40 -4.77 -28.63
C ASP A 38 6.48 -6.00 -28.68
N THR A 39 7.09 -7.13 -29.02
CA THR A 39 6.38 -8.40 -29.07
C THR A 39 7.21 -9.49 -28.41
N TYR A 40 6.55 -10.60 -28.11
CA TYR A 40 7.27 -11.77 -27.65
C TYR A 40 6.51 -13.04 -28.02
N THR A 41 7.22 -14.16 -28.02
CA THR A 41 6.63 -15.47 -28.21
C THR A 41 7.16 -16.36 -27.10
N GLY A 42 6.52 -17.51 -26.93
CA GLY A 42 6.93 -18.49 -25.93
C GLY A 42 6.12 -19.78 -26.01
N THR A 43 6.68 -20.84 -25.46
CA THR A 43 5.94 -22.08 -25.26
C THR A 43 5.98 -22.41 -23.79
N VAL A 44 4.92 -23.08 -23.32
CA VAL A 44 4.88 -23.61 -21.96
C VAL A 44 4.42 -25.08 -21.91
N SER A 45 5.15 -25.86 -21.11
CA SER A 45 4.79 -27.24 -20.82
C SER A 45 4.47 -27.36 -19.34
N ILE A 46 3.25 -27.78 -19.03
CA ILE A 46 2.78 -27.89 -17.65
C ILE A 46 2.46 -29.35 -17.32
N SER A 47 3.03 -29.85 -16.22
CA SER A 47 2.68 -31.18 -15.70
C SER A 47 1.47 -31.08 -14.78
N ILE A 48 0.44 -31.88 -15.06
CA ILE A 48 -0.87 -31.73 -14.45
C ILE A 48 -1.32 -32.99 -13.71
N ASN A 49 -1.67 -32.82 -12.44
CA ASN A 49 -2.31 -33.85 -11.63
C ASN A 49 -3.84 -33.78 -11.74
N LEU A 50 -4.39 -34.63 -12.61
CA LEU A 50 -5.84 -34.74 -12.79
C LEU A 50 -6.41 -35.66 -11.72
N SER A 51 -7.59 -35.32 -11.20
CA SER A 51 -8.22 -36.09 -10.11
C SER A 51 -9.61 -36.63 -10.47
N ALA A 52 -10.19 -36.12 -11.55
CA ALA A 52 -11.55 -36.49 -11.93
C ALA A 52 -11.73 -36.49 -13.45
N PRO A 53 -12.44 -37.52 -13.98
CA PRO A 53 -12.79 -37.59 -15.40
C PRO A 53 -13.30 -36.25 -15.93
N THR A 54 -12.67 -35.76 -16.99
CA THR A 54 -13.01 -34.48 -17.58
C THR A 54 -12.73 -34.53 -19.08
N ARG A 55 -13.64 -33.99 -19.88
CA ARG A 55 -13.41 -33.90 -21.30
C ARG A 55 -12.80 -32.54 -21.70
N TYR A 56 -12.65 -31.65 -20.73
CA TYR A 56 -12.03 -30.33 -20.97
C TYR A 56 -10.93 -30.00 -19.95
N LEU A 57 -9.82 -29.43 -20.41
CA LEU A 57 -8.84 -28.81 -19.52
C LEU A 57 -8.81 -27.31 -19.73
N TRP A 58 -8.85 -26.54 -18.64
CA TRP A 58 -8.85 -25.09 -18.75
C TRP A 58 -7.97 -24.36 -17.74
N LEU A 59 -7.49 -23.18 -18.14
CA LEU A 59 -6.61 -22.33 -17.33
C LEU A 59 -6.65 -20.88 -17.80
N HIS A 60 -5.97 -19.99 -17.09
CA HIS A 60 -6.12 -18.55 -17.30
C HIS A 60 -5.24 -18.01 -18.41
N LEU A 61 -5.76 -16.99 -19.08
CA LEU A 61 -5.08 -16.34 -20.19
C LEU A 61 -5.82 -15.04 -20.47
N ARG A 62 -5.10 -13.93 -20.53
CA ARG A 62 -5.69 -12.66 -20.94
C ARG A 62 -4.79 -11.93 -21.92
N GLU A 63 -5.38 -11.39 -22.99
CA GLU A 63 -4.69 -10.56 -24.00
C GLU A 63 -3.72 -11.37 -24.90
N THR A 64 -2.72 -11.98 -24.29
CA THR A 64 -1.82 -12.87 -25.00
C THR A 64 -2.63 -13.98 -25.67
N ARG A 65 -2.29 -14.30 -26.91
CA ARG A 65 -3.02 -15.29 -27.68
C ARG A 65 -2.22 -16.59 -27.80
N ILE A 66 -2.96 -17.69 -27.89
CA ILE A 66 -2.39 -18.99 -28.25
C ILE A 66 -2.20 -19.00 -29.76
N THR A 67 -1.03 -19.41 -30.20
CA THR A 67 -0.66 -19.37 -31.60
C THR A 67 -0.68 -20.72 -32.30
N ARG A 68 -0.48 -21.79 -31.53
CA ARG A 68 -0.57 -23.14 -32.06
C ARG A 68 -1.55 -23.97 -31.26
N LEU A 69 -2.30 -24.83 -31.95
CA LEU A 69 -3.22 -25.76 -31.30
C LEU A 69 -2.42 -26.55 -30.28
N PRO A 70 -2.84 -26.51 -29.00
CA PRO A 70 -2.03 -27.09 -27.94
C PRO A 70 -2.05 -28.61 -27.92
N GLU A 71 -1.02 -29.19 -27.31
CA GLU A 71 -0.87 -30.64 -27.29
C GLU A 71 -0.68 -31.23 -25.90
N LEU A 72 -1.39 -32.32 -25.66
CA LEU A 72 -1.48 -32.97 -24.35
C LEU A 72 -0.91 -34.39 -24.37
N LYS A 73 -0.22 -34.73 -23.29
CA LYS A 73 0.46 -36.00 -23.11
C LYS A 73 -0.25 -36.78 -22.00
N ARG A 74 -0.43 -38.09 -22.20
CA ARG A 74 -0.85 -38.95 -21.08
C ARG A 74 0.34 -39.21 -20.14
N PRO A 75 0.04 -39.57 -18.86
CA PRO A 75 1.09 -39.94 -17.92
C PRO A 75 1.96 -41.12 -18.39
N SER A 76 1.40 -41.94 -19.28
CA SER A 76 2.15 -43.03 -19.91
C SER A 76 3.19 -42.48 -20.90
N GLY A 77 2.79 -41.41 -21.62
CA GLY A 77 3.66 -40.76 -22.60
C GLY A 77 2.96 -40.50 -23.95
N ASP A 78 1.85 -41.20 -24.21
CA ASP A 78 1.12 -41.07 -25.49
C ASP A 78 0.53 -39.66 -25.72
N GLN A 79 0.26 -39.37 -26.99
CA GLN A 79 -0.32 -38.09 -27.42
C GLN A 79 -1.84 -38.11 -27.38
N VAL A 80 -2.42 -37.33 -26.45
CA VAL A 80 -3.88 -37.24 -26.33
C VAL A 80 -4.42 -36.38 -27.47
N GLN A 81 -5.44 -36.88 -28.18
CA GLN A 81 -5.98 -36.19 -29.35
C GLN A 81 -6.93 -35.06 -28.98
N VAL A 82 -6.80 -33.93 -29.68
CA VAL A 82 -7.54 -32.71 -29.36
C VAL A 82 -8.53 -32.34 -30.47
N ARG A 83 -9.81 -32.22 -30.06
CA ARG A 83 -10.91 -31.88 -30.95
C ARG A 83 -10.97 -30.36 -31.25
N ARG A 84 -10.83 -29.53 -30.20
CA ARG A 84 -10.95 -28.07 -30.31
C ARG A 84 -10.25 -27.37 -29.16
N CYS A 85 -9.92 -26.08 -29.35
CA CYS A 85 -9.73 -25.13 -28.25
C CYS A 85 -10.57 -23.88 -28.49
N PHE A 86 -10.88 -23.17 -27.42
CA PHE A 86 -11.67 -21.95 -27.50
C PHE A 86 -11.43 -21.10 -26.25
N GLU A 87 -11.52 -19.78 -26.43
CA GLU A 87 -11.39 -18.85 -25.32
C GLU A 87 -12.73 -18.56 -24.69
N TYR A 88 -12.73 -18.52 -23.35
CA TYR A 88 -13.91 -18.11 -22.59
C TYR A 88 -13.64 -16.77 -21.90
N LYS A 89 -14.08 -15.68 -22.53
CA LYS A 89 -13.73 -14.32 -22.10
C LYS A 89 -14.17 -13.99 -20.68
N LYS A 90 -15.44 -14.32 -20.39
CA LYS A 90 -16.11 -13.89 -19.17
C LYS A 90 -15.36 -14.26 -17.88
N GLN A 91 -14.65 -15.39 -17.89
CA GLN A 91 -13.85 -15.80 -16.72
C GLN A 91 -12.35 -15.97 -17.00
N GLU A 92 -11.91 -15.40 -18.13
CA GLU A 92 -10.48 -15.34 -18.54
C GLU A 92 -9.81 -16.72 -18.74
N TYR A 93 -10.57 -17.60 -19.39
CA TYR A 93 -10.13 -18.96 -19.62
C TYR A 93 -9.82 -19.26 -21.09
N VAL A 94 -8.77 -20.05 -21.31
CA VAL A 94 -8.61 -20.80 -22.56
C VAL A 94 -8.94 -22.27 -22.29
N VAL A 95 -9.87 -22.83 -23.08
CA VAL A 95 -10.36 -24.19 -22.86
C VAL A 95 -10.04 -25.12 -24.02
N VAL A 96 -9.50 -26.29 -23.68
CA VAL A 96 -9.20 -27.31 -24.66
C VAL A 96 -10.09 -28.56 -24.47
N GLU A 97 -10.75 -29.04 -25.59
CA GLU A 97 -11.58 -30.26 -25.49
C GLU A 97 -11.01 -31.50 -26.23
N ALA A 98 -10.83 -32.59 -25.47
CA ALA A 98 -10.37 -33.85 -26.01
C ALA A 98 -11.52 -34.51 -26.79
N GLU A 99 -11.16 -35.18 -27.87
CA GLU A 99 -11.98 -36.25 -28.39
C GLU A 99 -11.80 -37.28 -27.30
N GLU A 100 -12.84 -37.50 -26.49
CA GLU A 100 -12.89 -38.65 -25.51
C GLU A 100 -13.11 -38.25 -24.04
N GLU A 101 -12.06 -37.75 -23.38
CA GLU A 101 -12.03 -37.52 -21.90
C GLU A 101 -11.08 -38.55 -21.33
N LEU A 102 -10.35 -38.19 -20.28
CA LEU A 102 -9.49 -39.18 -19.66
C LEU A 102 -9.48 -39.12 -18.12
N THR A 103 -8.73 -40.05 -17.52
CA THR A 103 -8.86 -40.43 -16.12
C THR A 103 -7.69 -39.92 -15.25
N PRO A 104 -7.90 -39.86 -13.93
CA PRO A 104 -6.90 -39.36 -12.96
C PRO A 104 -5.45 -39.85 -13.11
N SER A 105 -4.51 -39.09 -12.53
CA SER A 105 -3.11 -39.46 -12.46
C SER A 105 -2.86 -40.22 -11.15
N SER A 106 -2.84 -41.54 -11.27
CA SER A 106 -2.92 -42.43 -10.12
C SER A 106 -1.57 -42.68 -9.41
N GLY A 107 -0.49 -42.81 -10.17
CA GLY A 107 0.82 -43.12 -9.60
C GLY A 107 1.60 -41.85 -9.30
N ASP A 108 2.83 -41.81 -9.81
CA ASP A 108 3.67 -40.61 -9.78
C ASP A 108 3.64 -39.90 -11.14
N GLY A 109 3.04 -40.56 -12.14
CA GLY A 109 2.90 -40.00 -13.48
C GLY A 109 1.89 -38.87 -13.58
N LEU A 110 2.12 -37.97 -14.54
CA LEU A 110 1.30 -36.77 -14.73
C LEU A 110 1.06 -36.50 -16.23
N TYR A 111 -0.03 -35.80 -16.53
CA TYR A 111 -0.30 -35.32 -17.89
C TYR A 111 0.66 -34.17 -18.20
N LEU A 112 1.06 -34.02 -19.46
CA LEU A 112 1.81 -32.84 -19.89
C LEU A 112 1.07 -32.05 -20.97
N LEU A 113 0.84 -30.78 -20.65
CA LEU A 113 0.13 -29.85 -21.53
C LEU A 113 1.08 -28.76 -22.01
N THR A 114 1.15 -28.61 -23.34
CA THR A 114 2.10 -27.72 -23.98
C THR A 114 1.37 -26.79 -24.95
N MET A 115 1.66 -25.49 -24.84
CA MET A 115 1.00 -24.49 -25.67
C MET A 115 1.91 -23.32 -26.10
N GLU A 116 1.80 -22.95 -27.37
CA GLU A 116 2.54 -21.81 -27.92
C GLU A 116 1.69 -20.54 -27.90
N PHE A 117 2.33 -19.42 -27.57
CA PHE A 117 1.62 -18.16 -27.34
C PHE A 117 2.42 -16.94 -27.77
N ALA A 118 1.69 -15.89 -28.15
CA ALA A 118 2.27 -14.60 -28.53
C ALA A 118 1.54 -13.43 -27.87
N GLY A 119 2.33 -12.45 -27.40
CA GLY A 119 1.79 -11.28 -26.73
C GLY A 119 2.53 -9.98 -27.00
N TRP A 120 2.12 -8.93 -26.30
CA TRP A 120 2.67 -7.60 -26.50
C TRP A 120 3.50 -7.10 -25.29
N LEU A 121 4.48 -6.25 -25.57
CA LEU A 121 5.31 -5.64 -24.53
C LEU A 121 4.97 -4.15 -24.29
N ASN A 122 4.05 -3.63 -25.09
CA ASN A 122 3.73 -2.21 -25.13
C ASN A 122 2.35 -1.93 -24.58
N GLY A 123 2.13 -0.68 -24.23
CA GLY A 123 0.83 -0.20 -23.74
C GLY A 123 0.33 -0.71 -22.40
N SER A 124 1.25 -1.17 -21.54
CA SER A 124 0.85 -1.75 -20.24
C SER A 124 1.98 -1.86 -19.23
N LEU A 125 1.62 -1.86 -17.94
CA LEU A 125 2.63 -2.03 -16.90
C LEU A 125 2.50 -3.37 -16.17
N VAL A 126 1.72 -4.28 -16.76
CA VAL A 126 1.44 -5.58 -16.18
C VAL A 126 1.70 -6.69 -17.20
N GLY A 127 1.84 -7.91 -16.70
CA GLY A 127 2.29 -9.01 -17.53
C GLY A 127 3.76 -8.78 -17.80
N PHE A 128 4.15 -9.05 -19.04
CA PHE A 128 5.52 -8.93 -19.51
C PHE A 128 5.59 -7.72 -20.43
N TYR A 129 6.46 -6.77 -20.09
CA TYR A 129 6.43 -5.49 -20.80
C TYR A 129 7.82 -4.90 -20.93
N ARG A 130 7.93 -3.93 -21.83
CA ARG A 130 9.18 -3.20 -22.05
C ARG A 130 9.06 -1.71 -21.74
N THR A 131 10.13 -1.13 -21.21
CA THR A 131 10.18 0.32 -21.06
C THR A 131 11.57 0.85 -21.36
N THR A 132 11.72 2.17 -21.42
CA THR A 132 13.01 2.74 -21.81
C THR A 132 13.56 3.75 -20.84
N TYR A 133 14.85 4.00 -20.96
CA TYR A 133 15.50 5.04 -20.20
C TYR A 133 16.65 5.54 -21.07
N THR A 134 17.27 6.63 -20.65
CA THR A 134 18.35 7.24 -21.43
C THR A 134 19.68 7.09 -20.69
N GLU A 135 20.69 6.59 -21.41
CA GLU A 135 22.03 6.46 -20.86
C GLU A 135 23.03 7.05 -21.85
N ASN A 136 23.81 8.02 -21.38
CA ASN A 136 24.77 8.71 -22.25
C ASN A 136 24.14 9.12 -23.59
N GLY A 137 22.88 9.56 -23.53
CA GLY A 137 22.17 10.02 -24.73
C GLY A 137 21.53 8.96 -25.61
N ARG A 138 21.83 7.68 -25.36
CA ARG A 138 21.17 6.62 -26.10
C ARG A 138 19.92 6.15 -25.35
N VAL A 139 18.90 5.80 -26.13
CA VAL A 139 17.69 5.17 -25.59
C VAL A 139 17.94 3.67 -25.38
N LYS A 140 17.76 3.20 -24.15
CA LYS A 140 18.00 1.79 -23.86
C LYS A 140 16.69 1.13 -23.47
N SER A 141 16.65 -0.20 -23.54
CA SER A 141 15.44 -0.94 -23.17
C SER A 141 15.66 -1.87 -21.98
N ILE A 142 14.56 -2.15 -21.29
CA ILE A 142 14.50 -3.17 -20.25
C ILE A 142 13.10 -3.75 -20.27
N ALA A 143 13.01 -5.06 -20.13
CA ALA A 143 11.73 -5.73 -20.12
C ALA A 143 11.63 -6.44 -18.80
N ALA A 144 10.42 -6.45 -18.26
CA ALA A 144 10.20 -7.11 -17.01
C ALA A 144 8.73 -7.52 -16.90
N THR A 145 8.42 -8.27 -15.83
CA THR A 145 7.07 -8.74 -15.57
C THR A 145 6.52 -8.17 -14.27
N ASP A 146 5.19 -8.15 -14.15
CA ASP A 146 4.51 -7.84 -12.91
C ASP A 146 3.14 -8.48 -12.91
N HIS A 147 2.85 -9.29 -11.90
CA HIS A 147 1.70 -10.19 -11.97
C HIS A 147 0.61 -10.04 -10.90
N GLU A 148 0.97 -9.65 -9.68
CA GLU A 148 -0.03 -9.63 -8.60
C GLU A 148 -1.15 -8.61 -8.84
N PRO A 149 -2.42 -9.06 -8.71
CA PRO A 149 -2.80 -10.43 -8.38
C PRO A 149 -3.08 -11.34 -9.58
N THR A 150 -3.72 -10.82 -10.63
CA THR A 150 -4.17 -11.69 -11.74
C THR A 150 -3.60 -11.33 -13.12
N ASP A 151 -2.29 -11.08 -13.19
CA ASP A 151 -1.64 -10.70 -14.45
C ASP A 151 -0.58 -11.70 -14.94
N ALA A 152 -0.31 -12.74 -14.16
CA ALA A 152 0.54 -13.83 -14.65
C ALA A 152 -0.05 -14.36 -15.95
N ARG A 153 -1.38 -14.45 -15.96
CA ARG A 153 -2.15 -14.93 -17.09
C ARG A 153 -2.02 -14.07 -18.35
N LYS A 154 -1.44 -12.89 -18.22
CA LYS A 154 -1.19 -12.05 -19.38
C LYS A 154 0.18 -12.42 -19.95
N SER A 155 1.13 -12.72 -19.07
CA SER A 155 2.46 -13.10 -19.48
C SER A 155 2.42 -14.44 -20.24
N PHE A 156 1.90 -15.47 -19.58
CA PHE A 156 1.81 -16.78 -20.18
C PHE A 156 0.56 -17.50 -19.64
N PRO A 157 0.04 -18.49 -20.40
CA PRO A 157 -1.10 -19.25 -19.89
C PRO A 157 -0.70 -20.00 -18.62
N CYS A 158 -1.49 -19.88 -17.56
CA CYS A 158 -1.21 -20.62 -16.31
C CYS A 158 -2.42 -20.80 -15.40
N PHE A 159 -2.26 -21.68 -14.42
CA PHE A 159 -3.27 -21.86 -13.38
C PHE A 159 -3.12 -20.75 -12.35
N ASP A 160 -3.78 -19.64 -12.64
CA ASP A 160 -3.44 -18.35 -12.02
C ASP A 160 -4.24 -18.13 -10.74
N GLU A 161 -4.11 -19.07 -9.81
CA GLU A 161 -4.62 -18.87 -8.46
C GLU A 161 -3.46 -19.11 -7.50
N PRO A 162 -3.39 -18.32 -6.42
CA PRO A 162 -2.29 -18.37 -5.46
C PRO A 162 -2.07 -19.73 -4.81
N ASN A 163 -3.14 -20.53 -4.67
CA ASN A 163 -3.00 -21.87 -4.11
C ASN A 163 -2.62 -22.95 -5.11
N LYS A 164 -2.53 -22.62 -6.39
CA LYS A 164 -2.14 -23.60 -7.41
C LYS A 164 -0.63 -23.61 -7.59
N LYS A 165 0.07 -23.86 -6.47
CA LYS A 165 1.52 -23.83 -6.43
C LYS A 165 2.14 -24.92 -7.30
N ALA A 166 3.18 -24.56 -8.03
CA ALA A 166 3.94 -25.49 -8.84
C ALA A 166 5.39 -25.05 -8.89
N THR A 167 6.23 -25.89 -9.48
CA THR A 167 7.67 -25.62 -9.58
C THR A 167 8.00 -25.05 -10.97
N TYR A 168 9.04 -24.18 -11.01
CA TYR A 168 9.37 -23.48 -12.24
C TYR A 168 10.80 -23.70 -12.70
N THR A 169 10.95 -24.04 -13.97
CA THR A 169 12.22 -23.87 -14.66
C THR A 169 12.01 -22.97 -15.87
N ILE A 170 12.61 -21.80 -15.78
CA ILE A 170 12.41 -20.75 -16.76
C ILE A 170 13.66 -20.64 -17.65
N SER A 171 13.43 -20.42 -18.94
CA SER A 171 14.50 -20.08 -19.88
C SER A 171 14.06 -18.90 -20.77
N ILE A 172 15.02 -18.07 -21.16
CA ILE A 172 14.72 -16.90 -21.98
C ILE A 172 15.73 -16.84 -23.10
N THR A 173 15.26 -16.50 -24.30
CA THR A 173 16.15 -16.24 -25.43
C THR A 173 16.07 -14.77 -25.79
N HIS A 174 17.22 -14.10 -25.70
CA HIS A 174 17.34 -12.63 -25.74
C HIS A 174 18.59 -12.21 -26.51
N PRO A 175 18.66 -10.94 -26.95
CA PRO A 175 19.91 -10.47 -27.59
C PRO A 175 21.09 -10.51 -26.60
N LYS A 176 22.28 -10.82 -27.09
CA LYS A 176 23.42 -11.06 -26.20
C LYS A 176 23.96 -9.82 -25.46
N GLU A 177 23.65 -8.62 -25.95
CA GLU A 177 24.02 -7.39 -25.26
C GLU A 177 23.34 -7.33 -23.88
N TYR A 178 22.28 -8.12 -23.71
CA TYR A 178 21.47 -8.13 -22.50
C TYR A 178 21.81 -9.26 -21.55
N GLY A 179 21.59 -9.02 -20.26
CA GLY A 179 21.56 -10.08 -19.29
C GLY A 179 20.11 -10.45 -19.06
N ALA A 180 19.90 -11.60 -18.43
CA ALA A 180 18.56 -12.04 -18.06
C ALA A 180 18.54 -12.47 -16.60
N LEU A 181 17.51 -12.04 -15.89
CA LEU A 181 17.29 -12.39 -14.50
C LEU A 181 15.95 -13.09 -14.31
N SER A 182 15.88 -13.94 -13.28
CA SER A 182 14.63 -14.50 -12.83
C SER A 182 14.64 -14.71 -11.32
N ASN A 183 13.68 -15.51 -10.84
CA ASN A 183 13.58 -15.89 -9.44
C ASN A 183 14.84 -16.62 -8.93
N MET A 184 15.36 -17.53 -9.74
CA MET A 184 16.49 -18.38 -9.34
C MET A 184 17.81 -17.92 -9.97
N PRO A 185 18.95 -18.50 -9.52
CA PRO A 185 20.22 -18.23 -10.21
C PRO A 185 20.20 -18.76 -11.63
N VAL A 186 21.10 -18.25 -12.46
CA VAL A 186 21.32 -18.78 -13.81
C VAL A 186 21.91 -20.19 -13.73
N ALA A 187 21.32 -21.14 -14.47
CA ALA A 187 21.89 -22.48 -14.59
C ALA A 187 22.89 -22.54 -15.76
N LYS A 188 22.40 -22.32 -16.98
CA LYS A 188 23.26 -22.35 -18.18
C LYS A 188 22.92 -21.33 -19.26
N GLU A 189 23.96 -20.82 -19.92
CA GLU A 189 23.81 -19.91 -21.04
C GLU A 189 24.43 -20.53 -22.28
N GLU A 190 23.64 -20.58 -23.35
CA GLU A 190 24.07 -21.13 -24.63
C GLU A 190 23.78 -20.17 -25.78
N SER A 191 24.72 -20.05 -26.71
CA SER A 191 24.55 -19.20 -27.89
C SER A 191 23.57 -19.83 -28.87
N VAL A 192 22.55 -19.07 -29.27
CA VAL A 192 21.62 -19.54 -30.29
C VAL A 192 22.18 -19.17 -31.66
N ASP A 193 22.36 -17.86 -31.87
CA ASP A 193 23.04 -17.33 -33.03
C ASP A 193 24.38 -16.78 -32.56
N ASP A 194 25.04 -16.04 -33.43
CA ASP A 194 26.09 -15.14 -32.96
C ASP A 194 25.48 -13.86 -32.34
N LYS A 195 24.14 -13.75 -32.39
CA LYS A 195 23.41 -12.61 -31.85
C LYS A 195 22.57 -12.89 -30.61
N TRP A 196 22.03 -14.11 -30.50
CA TRP A 196 21.09 -14.42 -29.41
C TRP A 196 21.65 -15.41 -28.39
N THR A 197 21.32 -15.19 -27.11
CA THR A 197 21.70 -16.10 -26.03
C THR A 197 20.44 -16.70 -25.39
N ARG A 198 20.48 -18.00 -25.12
CA ARG A 198 19.44 -18.68 -24.33
C ARG A 198 19.92 -18.87 -22.88
N THR A 199 19.32 -18.11 -21.97
CA THR A 199 19.63 -18.17 -20.54
C THR A 199 18.61 -19.09 -19.87
N THR A 200 19.10 -20.14 -19.23
CA THR A 200 18.23 -21.06 -18.48
C THR A 200 18.51 -20.96 -16.98
N PHE A 201 17.46 -20.88 -16.17
CA PHE A 201 17.60 -20.77 -14.71
C PHE A 201 17.32 -22.10 -14.01
N GLU A 202 18.00 -22.37 -12.89
CA GLU A 202 17.81 -23.64 -12.16
C GLU A 202 16.43 -23.80 -11.52
N LYS A 203 16.03 -25.04 -11.20
CA LYS A 203 14.67 -25.36 -10.77
C LYS A 203 14.26 -24.48 -9.59
N SER A 204 12.98 -24.11 -9.54
CA SER A 204 12.45 -23.35 -8.41
C SER A 204 11.80 -24.26 -7.40
N VAL A 205 11.69 -23.77 -6.17
CA VAL A 205 10.83 -24.36 -5.16
C VAL A 205 9.37 -24.15 -5.58
N PRO A 206 8.41 -24.94 -5.04
CA PRO A 206 7.02 -24.69 -5.38
C PRO A 206 6.62 -23.25 -5.04
N MET A 207 5.94 -22.57 -5.95
CA MET A 207 5.54 -21.18 -5.69
C MET A 207 4.25 -20.81 -6.42
N SER A 208 3.67 -19.69 -6.03
CA SER A 208 2.49 -19.17 -6.69
C SER A 208 2.85 -18.46 -7.99
N THR A 209 1.92 -18.48 -8.94
CA THR A 209 2.11 -17.82 -10.23
C THR A 209 2.40 -16.32 -10.09
N TYR A 210 1.70 -15.65 -9.18
CA TYR A 210 1.86 -14.21 -9.06
C TYR A 210 3.30 -13.82 -8.72
N LEU A 211 4.10 -14.78 -8.26
CA LEU A 211 5.46 -14.50 -7.84
C LEU A 211 6.49 -14.73 -8.92
N VAL A 212 6.09 -15.37 -10.01
CA VAL A 212 7.02 -15.70 -11.09
C VAL A 212 7.47 -14.43 -11.78
N CYS A 213 8.79 -14.24 -11.89
CA CYS A 213 9.33 -13.00 -12.45
C CYS A 213 10.59 -13.22 -13.27
N PHE A 214 10.68 -12.47 -14.37
CA PHE A 214 11.88 -12.45 -15.19
C PHE A 214 12.07 -11.08 -15.81
N ALA A 215 13.32 -10.80 -16.17
CA ALA A 215 13.69 -9.51 -16.70
C ALA A 215 14.84 -9.63 -17.69
N VAL A 216 14.89 -8.69 -18.62
CA VAL A 216 15.96 -8.58 -19.58
C VAL A 216 16.48 -7.16 -19.46
N HIS A 217 17.77 -7.01 -19.15
CA HIS A 217 18.29 -5.70 -18.76
C HIS A 217 19.74 -5.51 -19.16
N GLN A 218 20.21 -4.28 -19.07
CA GLN A 218 21.63 -3.92 -19.23
C GLN A 218 22.08 -3.06 -18.02
N PHE A 219 21.65 -3.46 -16.83
CA PHE A 219 21.92 -2.71 -15.61
C PHE A 219 23.25 -3.11 -14.99
N ASP A 220 23.87 -2.18 -14.29
CA ASP A 220 25.03 -2.44 -13.43
C ASP A 220 24.48 -2.98 -12.10
N SER A 221 25.35 -3.22 -11.12
CA SER A 221 24.91 -3.76 -9.84
C SER A 221 25.80 -3.40 -8.65
N VAL A 222 25.19 -3.43 -7.48
CA VAL A 222 25.86 -3.21 -6.22
C VAL A 222 25.60 -4.49 -5.44
N LYS A 223 26.64 -5.02 -4.79
CA LYS A 223 26.62 -6.38 -4.24
C LYS A 223 26.85 -6.41 -2.73
N ARG A 224 26.17 -7.33 -2.05
CA ARG A 224 26.47 -7.66 -0.66
C ARG A 224 26.27 -9.14 -0.40
N ILE A 225 26.87 -9.63 0.69
CA ILE A 225 26.79 -11.05 1.02
C ILE A 225 26.16 -11.20 2.41
N SER A 226 25.13 -12.05 2.50
CA SER A 226 24.43 -12.30 3.76
C SER A 226 25.32 -13.04 4.75
N ASN A 227 24.85 -13.16 6.00
CA ASN A 227 25.51 -14.04 6.97
C ASN A 227 25.43 -15.51 6.53
N SER A 228 24.39 -15.85 5.77
CA SER A 228 24.21 -17.18 5.19
C SER A 228 25.25 -17.49 4.10
N GLY A 229 25.90 -16.46 3.58
CA GLY A 229 26.85 -16.61 2.46
C GLY A 229 26.23 -16.47 1.09
N LYS A 230 24.96 -16.05 1.04
CA LYS A 230 24.26 -15.87 -0.22
C LYS A 230 24.38 -14.44 -0.73
N PRO A 231 24.64 -14.27 -2.05
CA PRO A 231 24.75 -12.95 -2.66
C PRO A 231 23.42 -12.19 -2.72
N LEU A 232 23.43 -11.00 -2.12
CA LEU A 232 22.30 -10.07 -2.18
C LEU A 232 22.77 -8.90 -3.04
N THR A 233 22.14 -8.72 -4.19
CA THR A 233 22.59 -7.67 -5.11
C THR A 233 21.44 -6.81 -5.63
N ILE A 234 21.70 -5.52 -5.76
CA ILE A 234 20.73 -4.56 -6.26
C ILE A 234 21.17 -4.10 -7.64
N TYR A 235 20.33 -4.36 -8.65
CA TYR A 235 20.60 -3.93 -10.02
C TYR A 235 20.12 -2.50 -10.24
N VAL A 236 20.91 -1.73 -10.97
CA VAL A 236 20.73 -0.28 -11.02
C VAL A 236 21.42 0.32 -12.24
N GLN A 237 20.78 1.30 -12.88
CA GLN A 237 21.39 1.99 -14.03
C GLN A 237 22.77 2.50 -13.62
N PRO A 238 23.78 2.34 -14.51
CA PRO A 238 25.14 2.81 -14.16
C PRO A 238 25.16 4.27 -13.66
N GLU A 239 24.42 5.14 -14.33
CA GLU A 239 24.26 6.54 -13.90
C GLU A 239 23.86 6.69 -12.45
N GLN A 240 23.00 5.77 -11.99
CA GLN A 240 22.39 5.88 -10.69
C GLN A 240 23.05 4.95 -9.69
N LYS A 241 24.21 4.39 -10.04
CA LYS A 241 24.81 3.31 -9.25
C LYS A 241 25.03 3.73 -7.80
N HIS A 242 25.46 4.97 -7.62
CA HIS A 242 25.73 5.49 -6.28
C HIS A 242 24.50 5.49 -5.37
N THR A 243 23.31 5.60 -5.97
CA THR A 243 22.09 5.71 -5.19
C THR A 243 21.51 4.36 -4.74
N ALA A 244 22.22 3.27 -5.03
CA ALA A 244 21.79 1.94 -4.62
C ALA A 244 22.43 1.53 -3.31
N GLU A 245 23.38 2.33 -2.84
CA GLU A 245 24.19 1.99 -1.67
C GLU A 245 23.37 1.77 -0.40
N TYR A 246 22.51 2.73 -0.08
CA TYR A 246 21.69 2.63 1.13
C TYR A 246 20.82 1.39 1.13
N ALA A 247 20.08 1.17 0.04
CA ALA A 247 19.21 0.00 -0.05
C ALA A 247 20.02 -1.28 0.11
N ALA A 248 21.28 -1.25 -0.32
CA ALA A 248 22.17 -2.39 -0.24
C ALA A 248 22.43 -2.65 1.23
N ASN A 249 22.74 -1.58 1.96
CA ASN A 249 22.95 -1.65 3.39
C ASN A 249 21.74 -2.27 4.07
N ILE A 250 20.58 -1.64 3.92
CA ILE A 250 19.34 -2.09 4.58
C ILE A 250 18.97 -3.54 4.26
N THR A 251 19.08 -3.93 2.99
CA THR A 251 18.81 -5.34 2.60
C THR A 251 19.66 -6.34 3.41
N LYS A 252 20.94 -6.04 3.60
CA LYS A 252 21.84 -6.88 4.37
C LYS A 252 21.40 -6.97 5.84
N SER A 253 21.21 -5.82 6.46
CA SER A 253 20.85 -5.71 7.86
C SER A 253 19.50 -6.36 8.21
N VAL A 254 18.54 -6.23 7.30
CA VAL A 254 17.18 -6.68 7.55
C VAL A 254 17.05 -8.15 7.16
N PHE A 255 17.65 -8.53 6.04
CA PHE A 255 17.75 -9.95 5.66
C PHE A 255 18.35 -10.77 6.82
N ASP A 256 19.49 -10.32 7.36
CA ASP A 256 20.16 -11.02 8.47
C ASP A 256 19.31 -11.03 9.73
N TYR A 257 18.56 -9.95 9.95
CA TYR A 257 17.70 -9.84 11.12
C TYR A 257 16.48 -10.76 11.03
N PHE A 258 15.85 -10.82 9.86
CA PHE A 258 14.65 -11.63 9.71
C PHE A 258 14.94 -13.14 9.78
N GLU A 259 15.95 -13.59 9.05
CA GLU A 259 16.30 -15.01 9.06
C GLU A 259 16.42 -15.56 10.49
N GLU A 260 17.06 -14.76 11.35
CA GLU A 260 17.19 -15.07 12.77
C GLU A 260 15.85 -14.97 13.50
N TYR A 261 15.05 -13.95 13.21
CA TYR A 261 13.78 -13.75 13.93
C TYR A 261 12.71 -14.79 13.62
N PHE A 262 12.63 -15.25 12.39
CA PHE A 262 11.61 -16.24 12.01
C PHE A 262 12.14 -17.65 12.15
N ALA A 263 13.43 -17.74 12.48
CA ALA A 263 14.11 -19.03 12.65
C ALA A 263 13.91 -19.92 11.44
N MET A 264 13.96 -19.31 10.25
CA MET A 264 13.84 -20.06 9.01
C MET A 264 14.80 -19.55 7.95
N ASN A 265 15.47 -20.49 7.29
CA ASN A 265 16.29 -20.19 6.13
C ASN A 265 15.49 -19.67 4.96
N TYR A 266 15.99 -18.59 4.38
CA TYR A 266 15.55 -18.10 3.08
C TYR A 266 15.67 -19.22 2.05
N SER A 267 14.62 -19.44 1.27
CA SER A 267 14.48 -20.66 0.49
C SER A 267 15.30 -20.75 -0.80
N LEU A 268 15.83 -19.62 -1.25
CA LEU A 268 16.52 -19.57 -2.53
C LEU A 268 18.00 -19.25 -2.35
N PRO A 269 18.85 -19.58 -3.36
CA PRO A 269 20.30 -19.37 -3.20
C PRO A 269 20.75 -17.93 -3.43
N LYS A 270 19.88 -17.09 -3.98
CA LYS A 270 20.19 -15.67 -4.15
C LYS A 270 18.97 -14.79 -4.07
N LEU A 271 19.22 -13.50 -3.86
CA LEU A 271 18.17 -12.49 -3.84
C LEU A 271 18.64 -11.24 -4.55
N ASP A 272 17.80 -10.81 -5.50
CA ASP A 272 18.04 -9.65 -6.34
C ASP A 272 16.95 -8.63 -6.15
N LYS A 273 17.34 -7.36 -6.22
CA LYS A 273 16.41 -6.21 -6.25
C LYS A 273 16.70 -5.34 -7.46
N ILE A 274 15.65 -4.78 -8.06
CA ILE A 274 15.81 -3.98 -9.27
C ILE A 274 14.63 -3.05 -9.42
N ALA A 275 14.91 -1.80 -9.76
CA ALA A 275 13.85 -0.84 -10.01
C ALA A 275 13.67 -0.69 -11.50
N ILE A 276 12.44 -0.92 -11.95
CA ILE A 276 12.08 -0.71 -13.36
C ILE A 276 11.82 0.79 -13.53
N PRO A 277 12.38 1.39 -14.59
CA PRO A 277 12.19 2.83 -14.87
C PRO A 277 10.74 3.28 -14.98
N ASP A 278 9.84 2.37 -15.33
CA ASP A 278 8.40 2.67 -15.31
C ASP A 278 7.73 1.46 -14.69
N PHE A 279 7.15 1.63 -13.50
CA PHE A 279 6.66 0.49 -12.72
C PHE A 279 5.34 0.85 -12.03
N GLY A 280 4.33 0.00 -12.24
CA GLY A 280 2.94 0.32 -11.92
C GLY A 280 2.56 0.38 -10.46
N THR A 281 3.24 -0.41 -9.62
CA THR A 281 3.09 -0.35 -8.16
C THR A 281 4.31 0.23 -7.48
N GLY A 282 4.36 0.11 -6.17
CA GLY A 282 5.50 0.62 -5.43
C GLY A 282 6.66 -0.35 -5.48
N ALA A 283 6.32 -1.62 -5.30
CA ALA A 283 7.30 -2.71 -5.24
C ALA A 283 6.57 -4.06 -5.20
N MET A 284 7.26 -5.11 -5.64
CA MET A 284 6.68 -6.45 -5.76
C MET A 284 7.68 -7.52 -5.30
N GLU A 285 7.22 -8.45 -4.47
CA GLU A 285 8.09 -9.35 -3.72
C GLU A 285 8.53 -10.61 -4.47
N ASN A 286 8.48 -10.59 -5.79
CA ASN A 286 8.81 -11.77 -6.58
C ASN A 286 10.02 -12.46 -5.93
N TRP A 287 9.87 -13.76 -5.65
CA TRP A 287 10.85 -14.53 -4.88
C TRP A 287 12.23 -14.40 -5.52
N GLY A 288 13.18 -13.84 -4.79
CA GLY A 288 14.55 -13.65 -5.29
C GLY A 288 14.83 -12.53 -6.30
N LEU A 289 13.77 -11.90 -6.79
CA LEU A 289 13.87 -10.84 -7.81
C LEU A 289 12.80 -9.81 -7.47
N ILE A 290 13.09 -8.98 -6.48
CA ILE A 290 12.13 -8.01 -6.00
C ILE A 290 12.24 -6.78 -6.89
N THR A 291 11.10 -6.34 -7.39
CA THR A 291 11.03 -5.21 -8.30
C THR A 291 10.56 -3.97 -7.54
N TYR A 292 11.06 -2.80 -7.95
CA TYR A 292 10.77 -1.53 -7.31
C TYR A 292 10.45 -0.42 -8.28
N ARG A 293 9.72 0.56 -7.78
CA ARG A 293 9.65 1.87 -8.36
C ARG A 293 10.85 2.61 -7.78
N GLU A 294 11.53 3.41 -8.59
CA GLU A 294 12.78 4.02 -8.16
C GLU A 294 12.67 4.83 -6.85
N THR A 295 11.55 5.50 -6.64
CA THR A 295 11.38 6.30 -5.41
C THR A 295 11.44 5.47 -4.14
N ASN A 296 11.16 4.18 -4.27
CA ASN A 296 11.14 3.25 -3.12
C ASN A 296 12.43 2.47 -2.89
N LEU A 297 13.42 2.68 -3.75
CA LEU A 297 14.67 1.91 -3.71
C LEU A 297 15.93 2.76 -3.80
N LEU A 298 15.87 3.84 -4.57
CA LEU A 298 17.07 4.62 -4.86
C LEU A 298 17.13 5.93 -4.10
N TYR A 299 18.21 6.08 -3.33
CA TYR A 299 18.32 7.12 -2.32
C TYR A 299 19.70 7.75 -2.37
N ASP A 300 19.74 9.07 -2.45
CA ASP A 300 21.00 9.84 -2.43
C ASP A 300 21.13 10.66 -1.14
N PRO A 301 22.11 10.34 -0.28
CA PRO A 301 22.15 11.06 0.99
C PRO A 301 22.38 12.56 0.79
N LYS A 302 22.89 12.93 -0.39
CA LYS A 302 23.21 14.33 -0.68
C LYS A 302 22.03 15.10 -1.27
N GLU A 303 20.96 14.39 -1.61
CA GLU A 303 19.86 14.99 -2.37
C GLU A 303 18.51 14.59 -1.84
N SER A 304 18.41 13.38 -1.30
CA SER A 304 17.13 12.82 -0.84
C SER A 304 16.85 13.23 0.61
N ALA A 305 15.58 13.20 0.99
CA ALA A 305 15.19 13.57 2.36
C ALA A 305 15.15 12.36 3.30
N SER A 306 15.00 12.62 4.59
CA SER A 306 14.95 11.59 5.60
C SER A 306 13.65 10.82 5.44
N SER A 307 12.62 11.55 5.04
CA SER A 307 11.37 10.94 4.59
C SER A 307 11.64 9.89 3.51
N ASN A 308 12.42 10.26 2.51
CA ASN A 308 12.84 9.30 1.47
C ASN A 308 13.63 8.12 2.05
N GLN A 309 14.57 8.43 2.94
CA GLN A 309 15.41 7.42 3.58
C GLN A 309 14.55 6.36 4.27
N GLN A 310 13.56 6.82 5.03
CA GLN A 310 12.68 5.97 5.81
C GLN A 310 11.77 5.18 4.90
N ARG A 311 11.33 5.80 3.82
CA ARG A 311 10.51 5.12 2.84
C ARG A 311 11.27 3.98 2.19
N VAL A 312 12.53 4.22 1.82
CA VAL A 312 13.38 3.19 1.20
C VAL A 312 13.59 2.06 2.21
N ALA A 313 14.06 2.40 3.39
CA ALA A 313 14.24 1.40 4.45
C ALA A 313 13.00 0.53 4.68
N THR A 314 11.82 1.17 4.74
N THR A 314 11.82 1.16 4.76
CA THR A 314 10.58 0.47 5.09
CA THR A 314 10.58 0.44 5.08
C THR A 314 10.05 -0.45 3.99
C THR A 314 10.09 -0.48 3.97
N VAL A 315 10.14 -0.01 2.73
CA VAL A 315 9.65 -0.79 1.60
C VAL A 315 10.54 -2.00 1.38
N VAL A 316 11.86 -1.80 1.51
CA VAL A 316 12.78 -2.93 1.41
C VAL A 316 12.47 -3.92 2.51
N ALA A 317 12.25 -3.43 3.72
CA ALA A 317 11.95 -4.29 4.85
C ALA A 317 10.64 -5.05 4.61
N HIS A 318 9.63 -4.31 4.13
CA HIS A 318 8.31 -4.85 3.77
C HIS A 318 8.45 -6.00 2.80
N GLU A 319 9.17 -5.74 1.71
CA GLU A 319 9.35 -6.72 0.64
C GLU A 319 10.15 -7.92 1.12
N LEU A 320 11.03 -7.72 2.09
CA LEU A 320 11.79 -8.84 2.64
C LEU A 320 10.92 -9.73 3.52
N VAL A 321 9.97 -9.14 4.25
CA VAL A 321 9.05 -9.94 5.08
C VAL A 321 8.33 -10.97 4.22
N HIS A 322 7.97 -10.56 3.02
CA HIS A 322 7.23 -11.43 2.11
C HIS A 322 7.97 -12.70 1.70
N GLN A 323 9.31 -12.67 1.79
CA GLN A 323 10.12 -13.86 1.49
C GLN A 323 9.77 -15.00 2.44
N TRP A 324 9.38 -14.65 3.65
CA TRP A 324 8.81 -15.61 4.59
C TRP A 324 7.28 -15.58 4.53
N PHE A 325 6.69 -14.43 4.82
CA PHE A 325 5.23 -14.32 4.85
C PHE A 325 4.65 -13.86 3.53
N GLY A 326 4.14 -14.82 2.77
CA GLY A 326 3.66 -14.58 1.43
C GLY A 326 4.28 -15.53 0.45
N ASN A 327 5.60 -15.67 0.50
CA ASN A 327 6.29 -16.53 -0.44
C ASN A 327 6.38 -17.98 0.04
N ILE A 328 7.00 -18.18 1.20
CA ILE A 328 7.11 -19.51 1.81
C ILE A 328 5.71 -20.02 2.18
N VAL A 329 4.98 -19.23 2.95
CA VAL A 329 3.58 -19.49 3.26
C VAL A 329 2.74 -18.41 2.57
N THR A 330 1.75 -18.86 1.80
CA THR A 330 0.90 -17.96 1.01
C THR A 330 -0.53 -18.21 1.45
N MET A 331 -1.40 -17.21 1.31
CA MET A 331 -2.82 -17.42 1.61
C MET A 331 -3.43 -18.42 0.63
N ASP A 332 -4.44 -19.14 1.08
CA ASP A 332 -5.17 -20.07 0.22
C ASP A 332 -5.99 -19.31 -0.83
N TRP A 333 -6.64 -18.24 -0.40
CA TRP A 333 -7.45 -17.41 -1.30
C TRP A 333 -7.27 -15.94 -0.93
N TRP A 334 -7.53 -15.04 -1.88
CA TRP A 334 -7.29 -13.58 -1.67
C TRP A 334 -8.09 -12.99 -0.51
N GLU A 335 -9.18 -13.65 -0.14
CA GLU A 335 -9.95 -13.27 1.04
C GLU A 335 -9.04 -13.19 2.26
N ASP A 336 -7.99 -14.01 2.26
CA ASP A 336 -7.01 -14.03 3.36
C ASP A 336 -5.72 -13.25 3.04
N LEU A 337 -5.82 -12.30 2.11
CA LEU A 337 -4.69 -11.47 1.68
C LEU A 337 -3.94 -10.79 2.83
N TRP A 338 -4.63 -10.53 3.93
CA TRP A 338 -3.98 -9.90 5.06
C TRP A 338 -2.85 -10.78 5.65
N LEU A 339 -2.92 -12.10 5.44
CA LEU A 339 -1.88 -12.99 5.92
C LEU A 339 -0.54 -12.65 5.26
N ASN A 340 -0.61 -12.07 4.07
CA ASN A 340 0.59 -11.56 3.39
C ASN A 340 0.86 -10.13 3.79
N GLU A 341 -0.06 -9.24 3.46
CA GLU A 341 0.18 -7.80 3.54
C GLU A 341 0.17 -7.22 4.95
N GLY A 342 -0.74 -7.72 5.78
CA GLY A 342 -0.80 -7.30 7.18
C GLY A 342 0.49 -7.62 7.90
N PHE A 343 0.98 -8.84 7.67
CA PHE A 343 2.22 -9.35 8.29
C PHE A 343 3.45 -8.59 7.82
N ALA A 344 3.47 -8.25 6.53
CA ALA A 344 4.53 -7.44 5.95
C ALA A 344 4.52 -6.03 6.54
N SER A 345 3.31 -5.45 6.64
CA SER A 345 3.13 -4.11 7.23
C SER A 345 3.47 -4.07 8.72
N PHE A 346 3.41 -5.23 9.37
CA PHE A 346 3.79 -5.30 10.78
C PHE A 346 5.28 -5.44 10.98
N PHE A 347 5.86 -6.46 10.36
CA PHE A 347 7.27 -6.79 10.53
C PHE A 347 8.21 -5.80 9.87
N GLU A 348 7.72 -5.05 8.87
CA GLU A 348 8.53 -4.01 8.26
C GLU A 348 9.09 -3.07 9.34
N PHE A 349 8.29 -2.78 10.35
CA PHE A 349 8.69 -1.89 11.44
C PHE A 349 9.73 -2.49 12.36
N LEU A 350 9.62 -3.79 12.60
CA LEU A 350 10.63 -4.51 13.39
C LEU A 350 11.94 -4.54 12.62
N GLY A 351 11.85 -4.76 11.32
CA GLY A 351 13.00 -4.82 10.45
C GLY A 351 13.80 -3.53 10.49
N VAL A 352 13.14 -2.42 10.19
CA VAL A 352 13.83 -1.14 10.07
C VAL A 352 14.34 -0.63 11.43
N ASN A 353 13.57 -0.87 12.49
CA ASN A 353 13.99 -0.59 13.87
C ASN A 353 15.31 -1.27 14.28
N HIS A 354 15.59 -2.45 13.73
CA HIS A 354 16.90 -3.09 13.92
C HIS A 354 17.99 -2.35 13.15
N ALA A 355 17.67 -2.00 11.91
CA ALA A 355 18.63 -1.37 11.01
C ALA A 355 18.93 0.06 11.40
N GLU A 356 17.93 0.73 11.98
CA GLU A 356 18.02 2.13 12.32
C GLU A 356 17.47 2.37 13.73
N THR A 357 18.40 2.43 14.68
CA THR A 357 18.09 2.37 16.11
C THR A 357 17.29 3.54 16.65
N ASP A 358 17.65 4.76 16.28
CA ASP A 358 16.99 5.94 16.83
C ASP A 358 15.88 6.53 15.95
N TRP A 359 15.21 5.66 15.20
CA TRP A 359 14.12 6.12 14.34
C TRP A 359 12.76 6.02 15.04
N GLN A 360 12.76 5.47 16.25
CA GLN A 360 11.54 5.28 17.04
C GLN A 360 10.45 4.62 16.19
N MET A 361 10.82 3.61 15.43
CA MET A 361 9.91 3.02 14.47
C MET A 361 8.64 2.48 15.12
N ARG A 362 8.79 1.78 16.24
CA ARG A 362 7.65 1.15 16.90
C ARG A 362 6.57 2.15 17.21
N ASP A 363 6.97 3.34 17.61
CA ASP A 363 6.02 4.43 17.80
C ASP A 363 5.44 4.92 16.46
N GLN A 364 6.25 4.90 15.41
CA GLN A 364 5.79 5.42 14.12
C GLN A 364 4.68 4.57 13.49
N MET A 365 4.55 3.32 13.93
CA MET A 365 3.42 2.48 13.53
C MET A 365 2.09 3.22 13.73
N LEU A 366 2.02 4.01 14.80
CA LEU A 366 0.81 4.78 15.12
C LEU A 366 0.48 5.79 14.05
N LEU A 367 1.52 6.44 13.54
CA LEU A 367 1.37 7.49 12.53
C LEU A 367 1.13 6.92 11.14
N GLU A 368 1.66 5.74 10.86
CA GLU A 368 1.66 5.15 9.51
C GLU A 368 0.48 4.25 9.23
N ASP A 369 0.00 3.54 10.24
CA ASP A 369 -1.01 2.51 10.02
C ASP A 369 -2.21 2.63 10.96
N VAL A 370 -1.95 2.64 12.26
CA VAL A 370 -3.01 2.52 13.28
C VAL A 370 -4.02 3.65 13.20
N LEU A 371 -3.58 4.87 13.49
CA LEU A 371 -4.47 6.02 13.50
C LEU A 371 -5.11 6.32 12.13
N PRO A 372 -4.32 6.32 11.02
CA PRO A 372 -4.95 6.51 9.72
C PRO A 372 -6.03 5.47 9.40
N VAL A 373 -5.76 4.19 9.62
CA VAL A 373 -6.79 3.18 9.31
C VAL A 373 -8.01 3.24 10.23
N GLN A 374 -7.85 3.82 11.43
CA GLN A 374 -9.01 3.99 12.32
C GLN A 374 -10.03 4.98 11.76
N GLU A 375 -9.55 5.93 10.97
CA GLU A 375 -10.39 6.77 10.12
C GLU A 375 -11.15 5.94 9.06
N ASP A 376 -10.41 5.14 8.27
CA ASP A 376 -10.99 4.31 7.23
C ASP A 376 -12.06 3.38 7.79
N ASP A 377 -11.72 2.70 8.89
CA ASP A 377 -12.55 1.61 9.39
C ASP A 377 -13.66 2.11 10.30
N SER A 378 -13.90 3.41 10.28
CA SER A 378 -15.05 3.98 10.95
C SER A 378 -16.15 4.34 9.94
N LEU A 379 -15.97 3.95 8.68
CA LEU A 379 -16.98 4.20 7.66
C LEU A 379 -17.83 2.95 7.46
N MET A 380 -19.08 3.14 7.04
CA MET A 380 -19.98 2.02 6.71
C MET A 380 -19.48 1.26 5.48
N SER A 381 -18.71 1.92 4.65
CA SER A 381 -18.22 1.30 3.43
C SER A 381 -16.81 0.75 3.59
N SER A 382 -16.47 0.36 4.81
CA SER A 382 -15.25 -0.40 5.05
C SER A 382 -15.61 -1.83 4.74
N HIS A 383 -14.71 -2.76 5.01
CA HIS A 383 -15.02 -4.16 4.86
C HIS A 383 -14.22 -4.93 5.89
N PRO A 384 -14.68 -6.13 6.27
CA PRO A 384 -13.93 -6.92 7.22
C PRO A 384 -12.57 -7.32 6.65
N ILE A 385 -11.62 -7.61 7.54
CA ILE A 385 -10.30 -8.06 7.15
C ILE A 385 -10.34 -9.29 6.23
N ILE A 386 -11.16 -10.29 6.56
CA ILE A 386 -11.41 -11.42 5.67
C ILE A 386 -12.54 -11.08 4.68
N VAL A 387 -12.17 -10.83 3.42
CA VAL A 387 -13.05 -10.19 2.42
C VAL A 387 -13.47 -11.12 1.29
N THR A 388 -14.77 -11.24 1.09
CA THR A 388 -15.32 -11.99 -0.05
C THR A 388 -15.01 -11.27 -1.38
N VAL A 389 -14.23 -11.94 -2.22
CA VAL A 389 -13.87 -11.41 -3.55
C VAL A 389 -14.25 -12.42 -4.64
N THR A 390 -14.97 -11.94 -5.66
CA THR A 390 -15.56 -12.85 -6.65
C THR A 390 -15.20 -12.50 -8.10
N THR A 391 -14.44 -11.44 -8.29
CA THR A 391 -13.99 -11.04 -9.64
C THR A 391 -12.54 -10.55 -9.56
N PRO A 392 -11.80 -10.54 -10.70
CA PRO A 392 -10.47 -9.92 -10.67
C PRO A 392 -10.47 -8.48 -10.11
N ASP A 393 -11.48 -7.70 -10.45
CA ASP A 393 -11.61 -6.32 -9.97
C ASP A 393 -11.74 -6.23 -8.46
N GLU A 394 -12.55 -7.12 -7.89
CA GLU A 394 -12.72 -7.18 -6.44
C GLU A 394 -11.44 -7.61 -5.75
N ILE A 395 -10.74 -8.60 -6.33
CA ILE A 395 -9.45 -9.05 -5.83
C ILE A 395 -8.46 -7.89 -5.71
N THR A 396 -8.25 -7.18 -6.81
CA THR A 396 -7.24 -6.16 -6.81
C THR A 396 -7.58 -4.98 -5.90
N SER A 397 -8.87 -4.80 -5.60
CA SER A 397 -9.38 -3.71 -4.76
C SER A 397 -8.93 -3.80 -3.29
N VAL A 398 -8.78 -5.02 -2.79
CA VAL A 398 -8.57 -5.24 -1.37
C VAL A 398 -7.09 -5.15 -0.97
N PHE A 399 -6.24 -4.79 -1.92
CA PHE A 399 -4.92 -4.33 -1.55
C PHE A 399 -5.08 -2.90 -0.99
N ASP A 400 -5.57 -2.80 0.24
CA ASP A 400 -5.98 -1.49 0.77
C ASP A 400 -5.58 -1.31 2.22
N GLY A 401 -6.09 -0.25 2.84
CA GLY A 401 -5.79 0.06 4.22
C GLY A 401 -6.19 -1.04 5.18
N ILE A 402 -7.32 -1.69 4.91
CA ILE A 402 -7.79 -2.77 5.78
C ILE A 402 -6.82 -3.95 5.80
N SER A 403 -6.42 -4.43 4.61
CA SER A 403 -5.49 -5.55 4.52
C SER A 403 -4.15 -5.22 5.14
N TYR A 404 -3.65 -4.02 4.85
CA TYR A 404 -2.35 -3.59 5.32
C TYR A 404 -2.40 -2.99 6.73
N SER A 405 -3.06 -1.85 6.87
CA SER A 405 -2.97 -1.10 8.12
C SER A 405 -3.76 -1.69 9.30
N LYS A 406 -5.00 -2.08 9.07
CA LYS A 406 -5.75 -2.77 10.13
C LYS A 406 -5.12 -4.13 10.43
N GLY A 407 -4.71 -4.84 9.38
CA GLY A 407 -3.95 -6.07 9.53
C GLY A 407 -2.74 -5.85 10.42
N SER A 408 -1.93 -4.85 10.10
CA SER A 408 -0.80 -4.47 10.93
C SER A 408 -1.25 -4.14 12.35
N SER A 409 -2.38 -3.44 12.48
CA SER A 409 -2.78 -2.95 13.77
C SER A 409 -3.29 -4.05 14.67
N ILE A 410 -4.02 -5.02 14.13
CA ILE A 410 -4.54 -6.09 14.99
C ILE A 410 -3.48 -7.10 15.39
N LEU A 411 -2.43 -7.22 14.58
CA LEU A 411 -1.25 -8.02 14.93
C LEU A 411 -0.49 -7.36 16.07
N ARG A 412 -0.42 -6.02 16.01
CA ARG A 412 0.25 -5.22 17.01
C ARG A 412 -0.44 -5.40 18.37
N MET A 413 -1.77 -5.37 18.35
CA MET A 413 -2.58 -5.63 19.54
C MET A 413 -2.34 -7.04 20.09
N LEU A 414 -2.32 -7.98 19.16
CA LEU A 414 -2.13 -9.39 19.47
C LEU A 414 -0.80 -9.64 20.16
N GLU A 415 0.28 -9.12 19.60
CA GLU A 415 1.62 -9.30 20.17
C GLU A 415 1.70 -8.78 21.62
N ASP A 416 1.19 -7.58 21.84
CA ASP A 416 1.20 -6.95 23.16
C ASP A 416 0.42 -7.78 24.16
N TRP A 417 -0.80 -8.16 23.78
CA TRP A 417 -1.67 -8.97 24.62
C TRP A 417 -1.06 -10.32 24.93
N ILE A 418 -0.50 -10.95 23.91
CA ILE A 418 -0.04 -12.32 24.00
C ILE A 418 1.42 -12.39 24.44
N LYS A 419 2.06 -11.21 24.52
CA LYS A 419 3.50 -11.07 24.82
C LYS A 419 4.37 -11.40 23.61
N PRO A 420 5.33 -10.51 23.29
CA PRO A 420 6.22 -10.62 22.13
C PRO A 420 6.88 -11.98 21.99
N GLU A 421 7.37 -12.52 23.11
CA GLU A 421 8.06 -13.81 23.12
C GLU A 421 7.23 -14.93 22.49
N ASN A 422 5.98 -15.04 22.92
CA ASN A 422 5.08 -16.11 22.46
C ASN A 422 4.55 -15.83 21.08
N PHE A 423 4.41 -14.55 20.75
CA PHE A 423 4.01 -14.14 19.43
C PHE A 423 5.03 -14.62 18.40
N GLN A 424 6.30 -14.35 18.69
CA GLN A 424 7.41 -14.76 17.86
C GLN A 424 7.43 -16.28 17.64
N LYS A 425 7.41 -17.02 18.76
CA LYS A 425 7.43 -18.47 18.73
C LYS A 425 6.25 -19.06 17.95
N GLY A 426 5.10 -18.42 18.06
CA GLY A 426 3.92 -18.83 17.30
C GLY A 426 4.08 -18.65 15.80
N CYS A 427 4.66 -17.53 15.39
CA CYS A 427 4.89 -17.25 13.97
C CYS A 427 5.81 -18.29 13.35
N GLN A 428 6.86 -18.65 14.08
CA GLN A 428 7.82 -19.67 13.66
C GLN A 428 7.13 -20.99 13.35
N MET A 429 6.27 -21.44 14.26
CA MET A 429 5.58 -22.73 14.13
C MET A 429 4.63 -22.75 12.94
N TYR A 430 3.87 -21.67 12.75
CA TYR A 430 3.04 -21.47 11.57
C TYR A 430 3.87 -21.60 10.30
N LEU A 431 5.05 -20.98 10.32
CA LEU A 431 5.98 -20.97 9.19
C LEU A 431 6.57 -22.35 8.89
N GLU A 432 6.76 -23.15 9.94
CA GLU A 432 7.26 -24.53 9.82
C GLU A 432 6.24 -25.44 9.17
N LYS A 433 4.98 -25.24 9.55
CA LYS A 433 3.91 -26.16 9.24
C LYS A 433 3.46 -26.03 7.78
N TYR A 434 3.24 -24.79 7.36
CA TYR A 434 2.67 -24.53 6.04
C TYR A 434 3.69 -24.16 4.96
N GLN A 435 4.97 -24.34 5.28
CA GLN A 435 6.06 -24.04 4.34
C GLN A 435 5.84 -24.72 2.98
N PHE A 436 5.87 -23.90 1.93
CA PHE A 436 5.58 -24.33 0.55
C PHE A 436 4.16 -24.82 0.33
N LYS A 437 3.25 -24.36 1.17
CA LYS A 437 1.83 -24.70 1.05
C LYS A 437 1.04 -23.46 1.37
N ASN A 438 -0.27 -23.62 1.51
CA ASN A 438 -1.16 -22.47 1.75
C ASN A 438 -1.94 -22.55 3.05
N ALA A 439 -2.25 -21.38 3.59
CA ALA A 439 -2.92 -21.27 4.87
C ALA A 439 -4.20 -20.45 4.78
N LYS A 440 -5.09 -20.67 5.75
CA LYS A 440 -6.25 -19.81 5.99
C LYS A 440 -6.03 -19.07 7.30
N THR A 441 -6.86 -18.06 7.57
CA THR A 441 -6.73 -17.33 8.83
C THR A 441 -6.87 -18.26 10.05
N SER A 442 -7.82 -19.18 10.01
CA SER A 442 -7.97 -20.22 11.05
C SER A 442 -6.68 -20.96 11.35
N ASP A 443 -5.88 -21.21 10.32
CA ASP A 443 -4.61 -21.94 10.49
C ASP A 443 -3.61 -21.14 11.31
N PHE A 444 -3.68 -19.82 11.20
CA PHE A 444 -2.77 -18.95 11.96
C PHE A 444 -3.17 -18.79 13.42
N TRP A 445 -4.47 -18.68 13.70
CA TRP A 445 -4.93 -18.60 15.08
C TRP A 445 -4.48 -19.85 15.82
N ALA A 446 -4.79 -21.03 15.27
CA ALA A 446 -4.42 -22.32 15.87
C ALA A 446 -2.93 -22.43 16.17
N ALA A 447 -2.11 -21.89 15.29
CA ALA A 447 -0.66 -21.86 15.48
C ALA A 447 -0.27 -21.11 16.75
N LEU A 448 -0.81 -19.89 16.90
CA LEU A 448 -0.54 -19.07 18.09
C LEU A 448 -1.20 -19.62 19.36
N GLU A 449 -2.30 -20.36 19.19
CA GLU A 449 -2.99 -20.98 20.32
C GLU A 449 -2.09 -22.03 20.95
N GLU A 450 -1.28 -22.71 20.13
CA GLU A 450 -0.25 -23.61 20.64
C GLU A 450 0.84 -22.88 21.44
N ALA A 451 1.04 -21.60 21.14
CA ALA A 451 2.08 -20.80 21.80
C ALA A 451 1.61 -20.10 23.08
N SER A 452 0.29 -19.96 23.25
CA SER A 452 -0.25 -19.24 24.40
C SER A 452 -1.29 -19.99 25.23
N ARG A 453 -2.03 -20.88 24.56
CA ARG A 453 -3.22 -21.54 25.14
C ARG A 453 -4.30 -20.53 25.53
N LEU A 454 -4.01 -19.25 25.30
CA LEU A 454 -4.99 -18.19 25.37
C LEU A 454 -6.01 -18.40 24.25
N PRO A 455 -7.25 -17.93 24.42
CA PRO A 455 -8.30 -18.15 23.42
C PRO A 455 -8.18 -17.29 22.14
N VAL A 456 -7.08 -17.46 21.40
CA VAL A 456 -6.75 -16.60 20.25
C VAL A 456 -7.81 -16.62 19.15
N LYS A 457 -8.27 -17.80 18.76
CA LYS A 457 -9.32 -17.90 17.74
C LYS A 457 -10.55 -17.13 18.18
N GLU A 458 -11.03 -17.41 19.39
CA GLU A 458 -12.25 -16.79 19.91
C GLU A 458 -12.17 -15.27 19.96
N VAL A 459 -11.01 -14.75 20.31
CA VAL A 459 -10.84 -13.33 20.52
C VAL A 459 -10.57 -12.61 19.21
N MET A 460 -9.65 -13.15 18.42
CA MET A 460 -9.23 -12.48 17.22
C MET A 460 -10.26 -12.55 16.08
N ASP A 461 -11.08 -13.59 16.09
CA ASP A 461 -12.16 -13.72 15.10
C ASP A 461 -13.05 -12.49 15.03
N THR A 462 -13.29 -11.89 16.20
CA THR A 462 -14.15 -10.71 16.31
C THR A 462 -13.54 -9.50 15.61
N TRP A 463 -12.21 -9.46 15.51
CA TRP A 463 -11.51 -8.34 14.89
C TRP A 463 -11.31 -8.55 13.39
N THR A 464 -11.83 -9.66 12.91
CA THR A 464 -11.36 -10.22 11.66
C THR A 464 -12.52 -10.59 10.70
N ARG A 465 -13.63 -11.08 11.25
CA ARG A 465 -14.76 -11.50 10.42
C ARG A 465 -15.88 -10.46 10.36
N GLN A 466 -15.62 -9.27 10.89
CA GLN A 466 -16.54 -8.13 10.79
C GLN A 466 -15.75 -6.83 10.63
N MET A 467 -16.33 -5.90 9.88
CA MET A 467 -15.72 -4.59 9.72
C MET A 467 -15.86 -3.79 11.02
N GLY A 468 -15.17 -2.66 11.11
CA GLY A 468 -15.33 -1.72 12.22
C GLY A 468 -14.55 -2.02 13.47
N TYR A 469 -14.70 -1.15 14.47
CA TYR A 469 -14.03 -1.28 15.74
C TYR A 469 -14.87 -0.56 16.80
N PRO A 470 -14.61 -0.83 18.09
CA PRO A 470 -15.41 -0.21 19.15
C PRO A 470 -14.83 1.08 19.76
N VAL A 471 -15.71 1.91 20.31
CA VAL A 471 -15.30 2.96 21.26
C VAL A 471 -15.65 2.44 22.66
N LEU A 472 -14.76 2.70 23.61
CA LEU A 472 -15.00 2.33 25.00
C LEU A 472 -15.54 3.55 25.71
N ASN A 473 -16.76 3.44 26.21
CA ASN A 473 -17.37 4.53 26.98
C ASN A 473 -17.06 4.42 28.49
N VAL A 474 -16.45 5.47 29.04
CA VAL A 474 -16.10 5.50 30.45
C VAL A 474 -17.24 6.09 31.27
N ASN A 475 -17.67 5.32 32.25
CA ASN A 475 -18.64 5.78 33.23
C ASN A 475 -18.03 5.66 34.61
N GLY A 476 -17.96 6.78 35.31
CA GLY A 476 -17.44 6.82 36.68
C GLY A 476 -15.99 6.40 36.82
N VAL A 477 -15.13 6.92 35.93
CA VAL A 477 -13.68 6.70 36.00
C VAL A 477 -13.28 5.28 35.61
N LYS A 478 -14.09 4.29 36.01
CA LYS A 478 -13.67 2.89 36.11
C LYS A 478 -14.53 1.87 35.34
N ASN A 479 -15.83 2.15 35.17
CA ASN A 479 -16.72 1.28 34.38
C ASN A 479 -16.55 1.59 32.89
N ILE A 480 -16.40 0.55 32.08
CA ILE A 480 -16.44 0.72 30.62
C ILE A 480 -17.55 -0.07 29.98
N THR A 481 -18.05 0.46 28.87
CA THR A 481 -18.94 -0.27 28.00
C THR A 481 -18.40 -0.13 26.58
N GLN A 482 -18.77 -1.07 25.73
CA GLN A 482 -18.35 -1.01 24.31
C GLN A 482 -19.54 -0.70 23.40
N LYS A 483 -19.26 0.08 22.38
CA LYS A 483 -20.21 0.40 21.33
C LYS A 483 -19.43 0.59 20.02
N ARG A 484 -20.01 0.16 18.90
CA ARG A 484 -19.37 0.33 17.61
C ARG A 484 -19.16 1.81 17.34
N PHE A 485 -18.00 2.16 16.80
CA PHE A 485 -17.69 3.55 16.48
C PHE A 485 -17.85 3.78 14.98
N LEU A 486 -18.83 4.61 14.63
CA LEU A 486 -19.04 5.04 13.25
C LEU A 486 -18.98 6.55 13.15
N LEU A 487 -18.32 7.04 12.11
CA LEU A 487 -18.16 8.49 11.90
C LEU A 487 -19.52 9.19 11.64
N ASP A 488 -20.42 8.47 11.01
CA ASP A 488 -21.76 8.96 10.71
C ASP A 488 -22.77 8.51 11.79
N PRO A 489 -23.22 9.45 12.66
CA PRO A 489 -24.17 9.14 13.73
C PRO A 489 -25.51 8.63 13.21
N ARG A 490 -25.88 9.04 11.99
CA ARG A 490 -27.16 8.60 11.39
C ARG A 490 -27.13 7.17 10.87
N ALA A 491 -25.94 6.62 10.62
CA ALA A 491 -25.81 5.27 10.05
C ALA A 491 -26.33 4.18 10.98
N ASN A 492 -26.87 3.08 10.40
CA ASN A 492 -27.36 1.96 11.18
C ASN A 492 -26.22 1.09 11.69
N PRO A 493 -25.98 1.11 13.02
CA PRO A 493 -24.81 0.47 13.62
C PRO A 493 -24.80 -1.04 13.45
N SER A 494 -25.90 -1.62 12.99
CA SER A 494 -25.97 -3.08 12.80
C SER A 494 -25.73 -3.54 11.36
N GLN A 495 -25.54 -2.60 10.44
CA GLN A 495 -25.34 -2.93 9.02
C GLN A 495 -23.88 -2.82 8.59
N PRO A 496 -23.46 -3.64 7.61
CA PRO A 496 -24.17 -4.79 7.06
C PRO A 496 -24.22 -5.92 8.07
N PRO A 497 -25.18 -6.85 7.93
CA PRO A 497 -25.35 -7.89 8.96
C PRO A 497 -24.09 -8.70 9.29
N SER A 498 -23.78 -8.81 10.58
CA SER A 498 -22.62 -9.58 11.05
C SER A 498 -23.01 -10.56 12.14
N ASP A 499 -22.63 -11.82 11.96
CA ASP A 499 -22.90 -12.89 12.94
C ASP A 499 -22.54 -12.49 14.37
N LEU A 500 -21.47 -11.73 14.51
CA LEU A 500 -20.96 -11.28 15.81
C LEU A 500 -21.64 -10.00 16.31
N GLY A 501 -22.52 -9.42 15.49
CA GLY A 501 -23.34 -8.30 15.93
C GLY A 501 -22.60 -7.04 16.36
N TYR A 502 -21.39 -6.85 15.85
CA TYR A 502 -20.54 -5.69 16.16
C TYR A 502 -20.29 -5.51 17.67
N THR A 503 -20.00 -6.64 18.32
CA THR A 503 -19.37 -6.65 19.64
C THR A 503 -18.06 -7.42 19.51
N TRP A 504 -17.06 -7.00 20.30
CA TRP A 504 -15.71 -7.55 20.23
C TRP A 504 -15.20 -8.09 21.54
N ASN A 505 -14.28 -9.04 21.45
CA ASN A 505 -13.44 -9.37 22.61
C ASN A 505 -12.20 -8.49 22.59
N ILE A 506 -12.20 -7.48 23.45
CA ILE A 506 -11.15 -6.46 23.44
C ILE A 506 -10.12 -6.72 24.53
N PRO A 507 -8.87 -6.98 24.13
CA PRO A 507 -7.81 -7.06 25.14
C PRO A 507 -7.54 -5.64 25.61
N VAL A 508 -7.87 -5.36 26.86
CA VAL A 508 -7.80 -4.01 27.38
C VAL A 508 -6.62 -3.89 28.36
N LYS A 509 -5.80 -2.87 28.15
CA LYS A 509 -4.67 -2.55 29.03
C LYS A 509 -4.81 -1.11 29.50
N TRP A 510 -4.39 -0.86 30.74
CA TRP A 510 -4.45 0.49 31.33
C TRP A 510 -3.34 0.74 32.36
N THR A 511 -3.08 2.01 32.66
CA THR A 511 -2.00 2.41 33.55
C THR A 511 -2.49 3.15 34.81
N GLU A 512 -2.35 2.48 35.96
CA GLU A 512 -2.70 3.06 37.25
C GLU A 512 -1.43 3.56 37.92
N ASP A 513 -1.15 4.86 37.80
CA ASP A 513 -0.01 5.49 38.45
C ASP A 513 1.34 4.83 38.12
N ASN A 514 1.63 4.70 36.83
CA ASN A 514 2.87 4.03 36.35
C ASN A 514 2.84 2.49 36.40
N ILE A 515 1.78 1.91 36.95
CA ILE A 515 1.64 0.44 36.97
C ILE A 515 0.59 -0.03 35.96
N THR A 516 0.87 -1.14 35.30
CA THR A 516 0.11 -1.60 34.13
C THR A 516 -0.62 -2.92 34.37
N SER A 517 -1.91 -2.91 34.07
CA SER A 517 -2.77 -4.08 34.27
C SER A 517 -3.43 -4.52 32.95
N SER A 518 -4.02 -5.70 32.94
CA SER A 518 -4.59 -6.30 31.73
C SER A 518 -5.87 -7.07 32.03
N VAL A 519 -6.85 -6.95 31.13
CA VAL A 519 -8.08 -7.73 31.17
C VAL A 519 -8.60 -7.93 29.74
N LEU A 520 -9.14 -9.11 29.48
CA LEU A 520 -9.91 -9.36 28.27
C LEU A 520 -11.40 -9.08 28.54
N PHE A 521 -11.99 -8.22 27.70
CA PHE A 521 -13.38 -7.78 27.83
C PHE A 521 -14.26 -8.66 26.94
N ASN A 522 -14.95 -9.63 27.53
CA ASN A 522 -15.79 -10.60 26.80
C ASN A 522 -17.00 -9.97 26.14
N ARG A 523 -17.26 -10.37 24.89
CA ARG A 523 -18.48 -10.02 24.12
C ARG A 523 -19.76 -10.20 24.92
N SER A 524 -19.80 -11.29 25.69
CA SER A 524 -20.98 -11.72 26.44
C SER A 524 -21.26 -10.89 27.70
N GLU A 525 -20.33 -10.02 28.08
CA GLU A 525 -20.53 -9.06 29.18
C GLU A 525 -21.27 -7.85 28.62
N LYS A 526 -22.55 -8.06 28.33
CA LYS A 526 -23.37 -7.09 27.60
C LYS A 526 -23.49 -5.75 28.30
N GLU A 527 -23.44 -5.77 29.62
CA GLU A 527 -23.57 -4.55 30.39
C GLU A 527 -22.22 -3.98 30.83
N GLY A 528 -21.16 -4.36 30.09
CA GLY A 528 -19.83 -3.85 30.34
C GLY A 528 -19.12 -4.48 31.53
N ILE A 529 -17.90 -4.01 31.80
CA ILE A 529 -17.06 -4.55 32.88
C ILE A 529 -16.50 -3.40 33.73
N THR A 530 -15.85 -3.77 34.83
CA THR A 530 -15.23 -2.82 35.73
C THR A 530 -13.74 -3.16 35.86
N LEU A 531 -12.89 -2.14 35.84
CA LEU A 531 -11.44 -2.35 35.81
C LEU A 531 -10.82 -2.36 37.21
N ASN A 532 -10.25 -3.50 37.60
CA ASN A 532 -9.67 -3.66 38.94
C ASN A 532 -8.48 -2.75 39.23
N SER A 537 -6.28 0.73 45.73
CA SER A 537 -5.52 1.73 44.98
C SER A 537 -6.29 3.04 44.77
N GLY A 538 -7.38 3.23 45.53
CA GLY A 538 -8.24 4.43 45.49
C GLY A 538 -7.94 5.51 44.46
N ASN A 539 -8.39 5.28 43.22
CA ASN A 539 -7.89 6.05 42.08
C ASN A 539 -8.64 7.32 41.71
N ALA A 540 -7.86 8.29 41.21
CA ALA A 540 -8.36 9.58 40.70
C ALA A 540 -8.07 9.77 39.18
N PHE A 541 -7.35 8.83 38.58
CA PHE A 541 -7.12 8.82 37.12
C PHE A 541 -6.72 7.45 36.56
N LEU A 542 -7.26 7.13 35.40
CA LEU A 542 -7.02 5.85 34.75
C LEU A 542 -6.66 6.02 33.27
N LYS A 543 -5.39 5.84 32.93
CA LYS A 543 -4.92 5.93 31.53
C LYS A 543 -5.23 4.64 30.78
N ILE A 544 -6.30 4.65 29.98
CA ILE A 544 -6.75 3.45 29.27
C ILE A 544 -6.15 3.43 27.87
N ASN A 545 -5.76 2.24 27.42
CA ASN A 545 -5.14 2.03 26.11
C ASN A 545 -3.82 2.79 25.94
N PRO A 546 -2.80 2.45 26.78
CA PRO A 546 -1.51 3.12 26.71
C PRO A 546 -0.83 2.91 25.36
N ASP A 547 -0.20 3.96 24.85
CA ASP A 547 0.41 3.97 23.50
C ASP A 547 -0.58 3.63 22.36
N HIS A 548 -1.88 3.67 22.67
CA HIS A 548 -2.93 3.32 21.72
C HIS A 548 -2.62 1.96 21.12
N ILE A 549 -2.37 1.01 22.02
CA ILE A 549 -1.88 -0.33 21.63
C ILE A 549 -3.01 -1.24 21.15
N GLY A 550 -4.24 -0.95 21.59
CA GLY A 550 -5.42 -1.68 21.15
C GLY A 550 -6.15 -0.94 20.05
N PHE A 551 -6.88 -1.67 19.23
CA PHE A 551 -7.49 -1.07 18.04
C PHE A 551 -8.90 -0.57 18.34
N TYR A 552 -8.96 0.43 19.23
CA TYR A 552 -10.23 1.00 19.68
C TYR A 552 -10.00 2.42 20.21
N ARG A 553 -11.10 3.16 20.36
CA ARG A 553 -11.02 4.47 20.96
C ARG A 553 -11.63 4.46 22.36
N VAL A 554 -11.12 5.36 23.21
CA VAL A 554 -11.59 5.50 24.55
C VAL A 554 -12.27 6.86 24.66
N ASN A 555 -13.54 6.84 25.04
CA ASN A 555 -14.25 8.06 25.34
C ASN A 555 -14.44 8.23 26.84
N TYR A 556 -13.63 9.10 27.44
CA TYR A 556 -13.74 9.40 28.86
C TYR A 556 -14.98 10.23 29.15
N GLU A 557 -15.33 10.34 30.43
CA GLU A 557 -16.33 11.32 30.82
C GLU A 557 -15.80 12.70 30.50
N VAL A 558 -16.70 13.62 30.15
CA VAL A 558 -16.35 14.99 29.81
C VAL A 558 -15.42 15.61 30.86
N ALA A 559 -15.73 15.42 32.14
CA ALA A 559 -14.95 16.03 33.24
C ALA A 559 -13.49 15.57 33.21
N THR A 560 -13.30 14.26 33.03
CA THR A 560 -11.97 13.68 32.81
C THR A 560 -11.25 14.43 31.67
N TRP A 561 -11.90 14.49 30.50
CA TRP A 561 -11.34 15.17 29.32
C TRP A 561 -10.94 16.60 29.65
N ASP A 562 -11.82 17.31 30.38
CA ASP A 562 -11.54 18.68 30.83
C ASP A 562 -10.27 18.74 31.70
N SER A 563 -10.11 17.76 32.59
CA SER A 563 -8.95 17.68 33.45
C SER A 563 -7.68 17.31 32.68
N ILE A 564 -7.83 16.59 31.57
CA ILE A 564 -6.69 16.24 30.73
C ILE A 564 -6.16 17.49 30.04
N ALA A 565 -7.07 18.31 29.51
CA ALA A 565 -6.71 19.60 28.91
C ALA A 565 -5.93 20.48 29.88
N THR A 566 -6.42 20.55 31.12
CA THR A 566 -5.73 21.27 32.18
C THR A 566 -4.36 20.65 32.47
N ALA A 567 -4.31 19.32 32.58
CA ALA A 567 -3.05 18.62 32.85
C ALA A 567 -1.99 18.87 31.75
N LEU A 568 -2.44 18.92 30.49
CA LEU A 568 -1.54 19.26 29.38
C LEU A 568 -1.02 20.69 29.49
N SER A 569 -1.89 21.63 29.89
CA SER A 569 -1.49 23.03 30.06
C SER A 569 -0.46 23.21 31.15
N LEU A 570 -0.65 22.49 32.25
CA LEU A 570 0.25 22.56 33.41
C LEU A 570 1.59 21.86 33.17
N ASN A 571 1.55 20.57 32.85
CA ASN A 571 2.77 19.81 32.53
C ASN A 571 2.48 18.71 31.52
N HIS A 572 2.69 19.01 30.23
CA HIS A 572 2.27 18.09 29.18
C HIS A 572 3.05 16.78 29.18
N LYS A 573 4.27 16.84 29.71
CA LYS A 573 5.15 15.67 29.80
C LYS A 573 4.64 14.65 30.83
N THR A 574 3.57 15.00 31.54
CA THR A 574 2.88 14.06 32.41
C THR A 574 2.53 12.80 31.61
N PHE A 575 2.19 13.01 30.33
CA PHE A 575 1.83 11.94 29.41
C PHE A 575 2.99 11.68 28.44
N SER A 576 3.12 10.43 28.00
CA SER A 576 4.12 10.09 26.99
C SER A 576 3.68 10.67 25.65
N SER A 577 4.64 10.79 24.73
CA SER A 577 4.39 11.42 23.43
C SER A 577 3.32 10.67 22.66
N ALA A 578 3.38 9.35 22.73
CA ALA A 578 2.37 8.51 22.09
C ALA A 578 0.98 8.72 22.71
N ASP A 579 0.93 8.72 24.04
CA ASP A 579 -0.31 8.90 24.80
C ASP A 579 -0.99 10.23 24.49
N ARG A 580 -0.20 11.30 24.42
CA ARG A 580 -0.66 12.61 23.94
C ARG A 580 -1.31 12.53 22.54
N ALA A 581 -0.56 12.00 21.57
CA ALA A 581 -1.06 11.84 20.20
C ALA A 581 -2.39 11.09 20.19
N SER A 582 -2.45 10.02 20.97
CA SER A 582 -3.60 9.14 21.03
C SER A 582 -4.83 9.81 21.60
N LEU A 583 -4.71 10.44 22.78
CA LEU A 583 -5.80 11.19 23.40
C LEU A 583 -6.32 12.25 22.42
N ILE A 584 -5.40 12.96 21.76
CA ILE A 584 -5.75 14.00 20.80
C ILE A 584 -6.49 13.42 19.59
N ASP A 585 -5.98 12.32 19.08
CA ASP A 585 -6.57 11.69 17.93
C ASP A 585 -7.97 11.20 18.22
N ASP A 586 -8.15 10.62 19.41
CA ASP A 586 -9.44 10.10 19.81
C ASP A 586 -10.45 11.21 19.95
N ALA A 587 -10.10 12.21 20.77
CA ALA A 587 -10.94 13.39 21.00
C ALA A 587 -11.50 13.95 19.70
N PHE A 588 -10.60 14.24 18.77
CA PHE A 588 -11.01 14.83 17.50
C PHE A 588 -11.84 13.91 16.61
N ALA A 589 -11.60 12.60 16.67
CA ALA A 589 -12.44 11.64 15.94
C ALA A 589 -13.82 11.48 16.60
N LEU A 590 -13.82 11.43 17.93
CA LEU A 590 -15.05 11.44 18.72
C LEU A 590 -15.90 12.68 18.43
N ALA A 591 -15.25 13.84 18.34
CA ALA A 591 -15.96 15.08 18.03
C ALA A 591 -16.55 14.98 16.61
N ARG A 592 -15.72 14.56 15.67
CA ARG A 592 -16.16 14.34 14.31
C ARG A 592 -17.43 13.46 14.23
N ALA A 593 -17.44 12.40 15.04
CA ALA A 593 -18.56 11.47 15.16
C ALA A 593 -19.78 11.95 15.98
N GLN A 594 -19.72 13.19 16.49
CA GLN A 594 -20.76 13.73 17.38
C GLN A 594 -20.92 12.87 18.61
N LEU A 595 -19.79 12.48 19.19
CA LEU A 595 -19.78 11.70 20.43
C LEU A 595 -19.13 12.50 21.54
N LEU A 596 -18.53 13.62 21.16
CA LEU A 596 -17.86 14.52 22.06
C LEU A 596 -17.96 15.94 21.52
N ASP A 597 -18.34 16.87 22.39
CA ASP A 597 -18.45 18.28 22.02
C ASP A 597 -17.10 18.79 21.60
N TYR A 598 -17.09 19.53 20.50
CA TYR A 598 -15.84 20.02 19.90
C TYR A 598 -15.06 20.94 20.82
N LYS A 599 -15.75 21.71 21.66
CA LYS A 599 -15.06 22.58 22.65
C LYS A 599 -14.09 21.77 23.51
N VAL A 600 -14.54 20.59 23.93
CA VAL A 600 -13.71 19.67 24.72
C VAL A 600 -12.45 19.27 23.96
N ALA A 601 -12.63 18.87 22.70
CA ALA A 601 -11.53 18.50 21.81
C ALA A 601 -10.56 19.66 21.61
N LEU A 602 -11.07 20.82 21.18
CA LEU A 602 -10.21 21.97 20.90
C LEU A 602 -9.44 22.42 22.15
N ASN A 603 -10.07 22.26 23.32
CA ASN A 603 -9.40 22.56 24.58
C ASN A 603 -8.08 21.80 24.72
N LEU A 604 -8.00 20.61 24.14
CA LEU A 604 -6.77 19.81 24.24
C LEU A 604 -5.61 20.40 23.45
N THR A 605 -5.87 21.41 22.61
CA THR A 605 -4.80 21.97 21.76
C THR A 605 -4.15 23.21 22.37
N LYS A 606 -4.77 23.72 23.44
CA LYS A 606 -4.32 24.96 24.06
C LYS A 606 -2.88 24.92 24.54
N TYR A 607 -2.41 23.74 24.92
CA TYR A 607 -1.09 23.58 25.47
C TYR A 607 0.03 23.70 24.43
N LEU A 608 -0.34 23.58 23.15
CA LEU A 608 0.63 23.29 22.06
C LEU A 608 1.88 24.16 21.91
N LYS A 609 1.85 25.42 22.35
CA LYS A 609 3.04 26.28 22.27
C LYS A 609 4.27 25.64 22.90
N ARG A 610 4.04 24.66 23.76
CA ARG A 610 5.11 23.97 24.47
C ARG A 610 5.30 22.53 23.99
N GLU A 611 4.44 22.10 23.07
CA GLU A 611 4.58 20.77 22.45
C GLU A 611 5.80 20.68 21.55
N GLU A 612 6.64 19.67 21.79
CA GLU A 612 7.91 19.52 21.07
C GLU A 612 8.13 18.16 20.37
N ASN A 613 7.20 17.23 20.54
CA ASN A 613 7.39 15.88 20.02
C ASN A 613 6.68 15.61 18.73
N PHE A 614 7.27 14.72 17.95
CA PHE A 614 6.81 14.38 16.60
C PHE A 614 5.41 13.82 16.56
N LEU A 615 5.16 12.79 17.35
CA LEU A 615 3.87 12.08 17.36
C LEU A 615 2.65 12.96 17.65
N PRO A 616 2.67 13.72 18.75
CA PRO A 616 1.51 14.59 18.95
C PRO A 616 1.32 15.57 17.78
N TRP A 617 2.38 16.24 17.34
CA TRP A 617 2.25 17.20 16.25
C TRP A 617 1.66 16.60 14.97
N GLN A 618 2.07 15.38 14.63
CA GLN A 618 1.54 14.74 13.43
C GLN A 618 0.03 14.51 13.49
N ARG A 619 -0.45 14.10 14.66
CA ARG A 619 -1.88 13.84 14.81
C ARG A 619 -2.69 15.12 14.96
N VAL A 620 -2.07 16.17 15.51
CA VAL A 620 -2.71 17.49 15.59
C VAL A 620 -2.90 18.03 14.19
N ILE A 621 -1.84 17.96 13.39
CA ILE A 621 -1.84 18.44 12.00
C ILE A 621 -2.89 17.70 11.16
N SER A 622 -2.95 16.40 11.33
CA SER A 622 -3.98 15.61 10.65
C SER A 622 -5.39 16.12 11.02
N ALA A 623 -5.63 16.35 12.31
CA ALA A 623 -6.95 16.76 12.77
C ALA A 623 -7.33 18.15 12.28
N VAL A 624 -6.35 19.05 12.29
CA VAL A 624 -6.58 20.43 11.89
C VAL A 624 -6.73 20.53 10.39
N THR A 625 -6.00 19.67 9.67
CA THR A 625 -6.08 19.66 8.24
C THR A 625 -7.54 19.43 7.82
N TYR A 626 -8.22 18.51 8.48
CA TYR A 626 -9.58 18.23 8.08
C TYR A 626 -10.49 19.45 8.33
N ILE A 627 -10.44 19.97 9.55
CA ILE A 627 -11.30 21.10 9.96
C ILE A 627 -11.06 22.31 9.07
N ILE A 628 -9.80 22.60 8.80
CA ILE A 628 -9.43 23.75 7.99
C ILE A 628 -9.94 23.59 6.55
N SER A 629 -9.89 22.37 6.03
CA SER A 629 -10.36 22.16 4.66
C SER A 629 -11.89 22.27 4.58
N MET A 630 -12.57 21.90 5.66
CA MET A 630 -14.03 22.06 5.65
C MET A 630 -14.44 23.52 5.66
N PHE A 631 -13.53 24.41 6.09
CA PHE A 631 -13.85 25.83 6.20
C PHE A 631 -13.11 26.72 5.21
N GLU A 632 -12.38 26.10 4.28
CA GLU A 632 -11.69 26.81 3.21
C GLU A 632 -12.40 28.06 2.71
N ASP A 633 -13.66 27.92 2.29
CA ASP A 633 -14.38 29.06 1.70
C ASP A 633 -15.14 29.92 2.71
N ASP A 634 -15.04 29.57 3.99
CA ASP A 634 -15.70 30.33 5.04
C ASP A 634 -14.85 31.52 5.46
N LYS A 635 -15.12 32.67 4.84
CA LYS A 635 -14.41 33.92 5.10
C LYS A 635 -14.46 34.32 6.58
N GLU A 636 -15.42 33.77 7.31
CA GLU A 636 -15.61 34.09 8.72
C GLU A 636 -14.73 33.22 9.62
N LEU A 637 -14.81 31.90 9.45
CA LEU A 637 -14.10 30.99 10.34
C LEU A 637 -12.62 30.83 10.04
N TYR A 638 -12.30 30.74 8.75
CA TYR A 638 -10.95 30.41 8.30
C TYR A 638 -9.85 31.26 8.92
N PRO A 639 -9.94 32.61 8.78
CA PRO A 639 -8.87 33.45 9.33
C PRO A 639 -8.62 33.15 10.80
N MET A 640 -9.71 32.93 11.55
CA MET A 640 -9.63 32.66 13.00
C MET A 640 -8.94 31.33 13.33
N ILE A 641 -9.24 30.30 12.53
CA ILE A 641 -8.58 29.01 12.71
C ILE A 641 -7.12 29.11 12.29
N GLU A 642 -6.88 29.82 11.20
CA GLU A 642 -5.53 30.05 10.72
C GLU A 642 -4.73 30.73 11.82
N GLU A 643 -5.27 31.87 12.28
CA GLU A 643 -4.59 32.71 13.27
C GLU A 643 -4.21 31.90 14.51
N TYR A 644 -5.15 31.11 15.03
CA TYR A 644 -4.90 30.28 16.20
C TYR A 644 -3.77 29.29 15.96
N PHE A 645 -3.96 28.42 14.96
CA PHE A 645 -2.98 27.35 14.76
C PHE A 645 -1.62 27.86 14.32
N GLN A 646 -1.60 29.00 13.65
CA GLN A 646 -0.35 29.72 13.36
C GLN A 646 0.42 29.99 14.66
N GLY A 647 -0.30 30.50 15.65
CA GLY A 647 0.25 30.81 16.97
C GLY A 647 0.71 29.60 17.75
N GLN A 648 0.04 28.47 17.55
CA GLN A 648 0.39 27.25 18.28
C GLN A 648 1.68 26.59 17.79
N VAL A 649 1.91 26.48 16.45
CA VAL A 649 3.16 25.93 15.89
C VAL A 649 4.32 26.89 15.93
N LYS A 650 4.03 28.19 15.96
CA LYS A 650 5.09 29.18 15.79
C LYS A 650 6.36 28.90 16.63
N PRO A 651 6.20 28.65 17.95
CA PRO A 651 7.41 28.42 18.76
C PRO A 651 8.30 27.26 18.27
N ILE A 652 7.69 26.11 18.00
CA ILE A 652 8.45 24.94 17.55
C ILE A 652 8.99 25.12 16.13
N ALA A 653 8.22 25.80 15.28
CA ALA A 653 8.68 26.11 13.93
C ALA A 653 9.88 27.03 14.00
N ASP A 654 9.79 28.07 14.82
CA ASP A 654 10.92 28.97 15.02
C ASP A 654 12.10 28.25 15.65
N SER A 655 11.84 27.50 16.72
CA SER A 655 12.88 26.82 17.50
C SER A 655 13.76 25.89 16.65
N LEU A 656 13.11 25.14 15.76
CA LEU A 656 13.82 24.20 14.90
C LEU A 656 14.52 24.87 13.74
N GLY A 657 13.96 25.99 13.26
CA GLY A 657 14.58 26.79 12.18
C GLY A 657 14.62 26.13 10.81
N TRP A 658 15.08 26.87 9.81
CA TRP A 658 15.16 26.35 8.44
C TRP A 658 16.53 25.78 8.13
N ASN A 659 16.81 24.59 8.65
CA ASN A 659 18.11 23.92 8.49
C ASN A 659 18.08 22.46 8.94
N ASP A 660 18.81 21.60 8.24
CA ASP A 660 18.84 20.18 8.54
C ASP A 660 19.74 19.83 9.72
N ALA A 661 19.32 20.19 10.93
CA ALA A 661 20.10 19.83 12.12
C ALA A 661 19.31 18.89 13.03
N GLY A 662 20.00 17.93 13.63
CA GLY A 662 19.35 17.01 14.57
C GLY A 662 19.26 15.59 14.06
N ASP A 663 18.67 14.72 14.87
CA ASP A 663 18.50 13.30 14.52
C ASP A 663 17.33 13.08 13.55
N HIS A 664 17.11 11.84 13.16
CA HIS A 664 16.08 11.49 12.20
C HIS A 664 14.72 12.14 12.53
N VAL A 665 14.16 11.72 13.67
CA VAL A 665 12.83 12.14 14.07
C VAL A 665 12.67 13.66 14.14
N THR A 666 13.71 14.34 14.60
CA THR A 666 13.72 15.80 14.70
C THR A 666 13.58 16.42 13.32
N LYS A 667 14.31 15.87 12.35
CA LYS A 667 14.29 16.39 10.98
C LYS A 667 12.93 16.18 10.31
N LEU A 668 12.29 15.04 10.60
CA LEU A 668 10.92 14.80 10.15
C LEU A 668 9.95 15.78 10.80
N LEU A 669 10.16 16.07 12.08
CA LEU A 669 9.31 17.03 12.80
C LEU A 669 9.38 18.42 12.19
N ARG A 670 10.60 18.91 11.99
CA ARG A 670 10.82 20.19 11.33
C ARG A 670 10.09 20.26 9.99
N SER A 671 10.25 19.26 9.13
CA SER A 671 9.51 19.20 7.86
C SER A 671 8.03 19.46 8.11
N SER A 672 7.38 18.57 8.87
CA SER A 672 5.95 18.71 9.02
C SER A 672 5.55 19.97 9.77
N VAL A 673 6.38 20.39 10.70
CA VAL A 673 6.06 21.61 11.47
C VAL A 673 6.22 22.92 10.68
N LEU A 674 7.25 22.99 9.84
CA LEU A 674 7.45 24.15 8.97
C LEU A 674 6.39 24.18 7.88
N GLY A 675 6.01 22.99 7.42
CA GLY A 675 4.99 22.86 6.38
C GLY A 675 3.65 23.37 6.86
N PHE A 676 3.31 23.01 8.09
CA PHE A 676 2.07 23.45 8.73
C PHE A 676 2.08 24.96 8.95
N ALA A 677 3.22 25.51 9.34
CA ALA A 677 3.36 26.96 9.53
C ALA A 677 3.06 27.67 8.21
N CYS A 678 3.67 27.16 7.14
CA CYS A 678 3.39 27.65 5.80
C CYS A 678 1.92 27.49 5.47
N LYS A 679 1.36 26.31 5.72
CA LYS A 679 -0.04 26.06 5.43
C LYS A 679 -0.92 27.08 6.15
N MET A 680 -0.59 27.35 7.40
CA MET A 680 -1.35 28.29 8.22
C MET A 680 -1.06 29.79 7.95
N GLY A 681 -0.20 30.10 6.99
CA GLY A 681 -0.06 31.49 6.52
C GLY A 681 0.89 32.40 7.26
N ASP A 682 1.71 31.80 8.14
CA ASP A 682 2.85 32.45 8.79
C ASP A 682 3.75 33.15 7.77
N ARG A 683 3.68 34.48 7.74
CA ARG A 683 4.41 35.30 6.78
C ARG A 683 5.91 35.02 6.73
N GLU A 684 6.50 34.75 7.89
CA GLU A 684 7.95 34.55 7.99
C GLU A 684 8.41 33.20 7.47
N ALA A 685 7.61 32.17 7.71
CA ALA A 685 7.89 30.85 7.14
C ALA A 685 7.75 30.87 5.62
N LEU A 686 6.69 31.51 5.12
CA LEU A 686 6.48 31.67 3.67
C LEU A 686 7.64 32.42 3.03
N ASN A 687 8.16 33.44 3.73
CA ASN A 687 9.30 34.22 3.24
C ASN A 687 10.61 33.42 3.18
N ASN A 688 10.77 32.50 4.12
CA ASN A 688 11.86 31.55 4.08
C ASN A 688 11.76 30.66 2.83
N ALA A 689 10.56 30.13 2.58
CA ALA A 689 10.32 29.31 1.42
C ALA A 689 10.58 30.07 0.14
N SER A 690 10.08 31.30 0.05
CA SER A 690 10.28 32.16 -1.12
C SER A 690 11.74 32.52 -1.33
N SER A 691 12.44 32.90 -0.26
CA SER A 691 13.85 33.25 -0.35
C SER A 691 14.68 32.07 -0.87
N LEU A 692 14.48 30.89 -0.28
CA LEU A 692 15.23 29.70 -0.69
C LEU A 692 14.93 29.34 -2.13
N PHE A 693 13.66 29.36 -2.49
CA PHE A 693 13.22 29.08 -3.84
C PHE A 693 13.95 29.99 -4.84
N GLU A 694 13.91 31.30 -4.61
CA GLU A 694 14.61 32.29 -5.44
C GLU A 694 16.10 31.96 -5.61
N GLN A 695 16.75 31.51 -4.53
CA GLN A 695 18.13 31.01 -4.56
C GLN A 695 18.30 29.73 -5.40
N TRP A 696 17.36 28.80 -5.26
CA TRP A 696 17.40 27.57 -6.03
C TRP A 696 17.28 27.88 -7.52
N LEU A 697 16.48 28.90 -7.86
CA LEU A 697 16.35 29.31 -9.26
C LEU A 697 17.65 29.86 -9.86
N ASN A 698 18.58 30.32 -9.02
CA ASN A 698 19.91 30.73 -9.49
C ASN A 698 20.80 29.57 -9.95
N GLY A 699 20.35 28.34 -9.69
CA GLY A 699 20.88 27.16 -10.36
C GLY A 699 22.13 26.51 -9.79
N THR A 700 22.62 27.04 -8.68
CA THR A 700 23.81 26.51 -8.05
C THR A 700 23.45 25.88 -6.71
N VAL A 701 22.82 26.69 -5.86
CA VAL A 701 22.52 26.32 -4.49
C VAL A 701 21.75 25.00 -4.42
N SER A 702 22.33 24.05 -3.69
CA SER A 702 21.66 22.79 -3.42
C SER A 702 20.89 22.96 -2.09
N LEU A 703 19.57 22.92 -2.16
CA LEU A 703 18.72 23.12 -0.97
C LEU A 703 18.93 22.04 0.09
N PRO A 704 18.84 22.41 1.38
CA PRO A 704 18.79 21.43 2.46
C PRO A 704 17.71 20.38 2.20
N VAL A 705 18.10 19.11 2.28
CA VAL A 705 17.29 18.01 1.78
C VAL A 705 15.89 17.90 2.39
N ASN A 706 15.76 18.17 3.67
CA ASN A 706 14.46 18.05 4.33
C ASN A 706 13.57 19.28 4.20
N LEU A 707 14.05 20.29 3.49
CA LEU A 707 13.28 21.52 3.22
C LEU A 707 12.81 21.65 1.76
N ARG A 708 13.50 20.94 0.86
CA ARG A 708 13.25 20.99 -0.59
C ARG A 708 11.78 21.00 -0.98
N LEU A 709 11.08 19.96 -0.56
CA LEU A 709 9.69 19.82 -0.95
C LEU A 709 8.91 21.07 -0.54
N LEU A 710 9.11 21.52 0.69
CA LEU A 710 8.41 22.68 1.20
C LEU A 710 8.75 23.89 0.37
N VAL A 711 10.04 24.02 0.05
CA VAL A 711 10.52 25.16 -0.74
C VAL A 711 9.95 25.15 -2.15
N TYR A 712 9.89 23.97 -2.81
CA TYR A 712 9.29 23.89 -4.17
C TYR A 712 7.83 24.22 -4.12
N ARG A 713 7.13 23.66 -3.14
CA ARG A 713 5.69 23.90 -3.02
C ARG A 713 5.32 25.35 -2.70
N TYR A 714 5.80 25.85 -1.58
CA TYR A 714 5.40 27.18 -1.12
C TYR A 714 6.10 28.25 -1.89
N GLY A 715 7.32 27.95 -2.34
CA GLY A 715 8.06 28.82 -3.24
C GLY A 715 7.32 29.04 -4.57
N MET A 716 6.85 27.94 -5.18
CA MET A 716 6.13 28.09 -6.42
C MET A 716 4.79 28.76 -6.17
N GLN A 717 4.10 28.33 -5.12
CA GLN A 717 2.80 28.91 -4.80
C GLN A 717 2.87 30.44 -4.58
N ASN A 718 3.93 30.89 -3.92
CA ASN A 718 3.99 32.30 -3.55
C ASN A 718 4.67 33.22 -4.55
N SER A 719 5.63 32.69 -5.31
CA SER A 719 6.33 33.53 -6.28
C SER A 719 6.56 32.85 -7.65
N GLY A 720 5.84 31.77 -7.91
CA GLY A 720 5.97 31.08 -9.17
C GLY A 720 5.35 31.89 -10.29
N ASN A 721 5.96 31.80 -11.47
CA ASN A 721 5.45 32.43 -12.70
C ASN A 721 5.92 31.53 -13.84
N GLU A 722 5.61 31.89 -15.10
CA GLU A 722 5.88 31.02 -16.24
C GLU A 722 7.36 30.69 -16.36
N ILE A 723 8.20 31.69 -16.13
CA ILE A 723 9.64 31.51 -16.23
C ILE A 723 10.13 30.45 -15.24
N SER A 724 9.75 30.58 -13.97
CA SER A 724 10.21 29.61 -12.96
C SER A 724 9.53 28.25 -13.10
N TRP A 725 8.32 28.25 -13.66
CA TRP A 725 7.60 27.00 -13.91
C TRP A 725 8.35 26.21 -15.00
N ASN A 726 8.63 26.86 -16.13
CA ASN A 726 9.43 26.28 -17.20
C ASN A 726 10.78 25.78 -16.72
N TYR A 727 11.42 26.54 -15.86
CA TYR A 727 12.73 26.18 -15.36
C TYR A 727 12.59 24.89 -14.58
N THR A 728 11.59 24.85 -13.69
CA THR A 728 11.34 23.71 -12.81
C THR A 728 11.04 22.46 -13.63
N LEU A 729 10.32 22.66 -14.74
CA LEU A 729 9.96 21.56 -15.65
C LEU A 729 11.22 20.99 -16.30
N GLU A 730 12.13 21.87 -16.75
CA GLU A 730 13.42 21.45 -17.27
C GLU A 730 14.25 20.69 -16.26
N GLN A 731 14.25 21.15 -15.02
CA GLN A 731 15.01 20.52 -13.95
C GLN A 731 14.47 19.15 -13.62
N TYR A 732 13.16 19.02 -13.68
CA TYR A 732 12.50 17.73 -13.49
C TYR A 732 12.98 16.73 -14.54
N GLN A 733 13.01 17.14 -15.80
CA GLN A 733 13.50 16.28 -16.89
C GLN A 733 14.95 15.91 -16.68
N LYS A 734 15.75 16.85 -16.16
CA LYS A 734 17.19 16.69 -16.16
C LYS A 734 17.74 15.83 -15.04
N THR A 735 17.05 15.78 -13.90
CA THR A 735 17.59 15.02 -12.78
C THR A 735 17.29 13.55 -12.94
N SER A 736 18.25 12.70 -12.59
CA SER A 736 18.08 11.25 -12.72
C SER A 736 17.34 10.67 -11.52
N LEU A 737 17.40 11.40 -10.40
CA LEU A 737 16.91 10.89 -9.13
C LEU A 737 15.39 10.98 -9.07
N ALA A 738 14.72 9.82 -9.04
CA ALA A 738 13.25 9.78 -9.01
C ALA A 738 12.67 10.52 -7.78
N GLN A 739 13.34 10.38 -6.63
CA GLN A 739 12.91 11.10 -5.42
C GLN A 739 12.88 12.61 -5.59
N GLU A 740 13.87 13.18 -6.29
CA GLU A 740 13.85 14.61 -6.63
C GLU A 740 12.78 14.93 -7.67
N LYS A 741 12.70 14.12 -8.73
CA LYS A 741 11.65 14.25 -9.75
C LYS A 741 10.27 14.44 -9.10
N GLU A 742 9.94 13.56 -8.18
CA GLU A 742 8.62 13.60 -7.52
C GLU A 742 8.37 14.91 -6.76
N LYS A 743 9.39 15.43 -6.09
CA LYS A 743 9.26 16.70 -5.37
C LYS A 743 8.97 17.81 -6.37
N LEU A 744 9.64 17.73 -7.53
CA LEU A 744 9.53 18.77 -8.54
C LEU A 744 8.13 18.78 -9.19
N LEU A 745 7.54 17.60 -9.33
CA LEU A 745 6.15 17.47 -9.81
C LEU A 745 5.15 18.11 -8.82
N TYR A 746 5.37 17.87 -7.55
CA TYR A 746 4.55 18.55 -6.55
C TYR A 746 4.75 20.06 -6.68
N GLY A 747 6.00 20.52 -6.83
CA GLY A 747 6.27 21.96 -7.07
C GLY A 747 5.48 22.55 -8.23
N LEU A 748 5.55 21.88 -9.39
CA LEU A 748 4.86 22.30 -10.58
C LEU A 748 3.34 22.31 -10.40
N ALA A 749 2.82 21.40 -9.58
CA ALA A 749 1.40 21.39 -9.19
C ALA A 749 0.99 22.54 -8.27
N SER A 750 1.96 23.31 -7.76
CA SER A 750 1.67 24.32 -6.74
C SER A 750 1.42 25.73 -7.27
N VAL A 751 1.74 25.97 -8.53
CA VAL A 751 1.61 27.30 -9.11
C VAL A 751 0.15 27.77 -9.13
N LYS A 752 -0.03 29.05 -8.83
CA LYS A 752 -1.36 29.66 -8.74
C LYS A 752 -1.71 30.33 -10.08
N ASN A 753 -1.85 29.48 -11.10
CA ASN A 753 -2.09 29.91 -12.48
C ASN A 753 -2.82 28.81 -13.28
N VAL A 754 -4.02 29.16 -13.77
CA VAL A 754 -4.89 28.25 -14.46
C VAL A 754 -4.31 27.76 -15.80
N THR A 755 -3.70 28.68 -16.55
CA THR A 755 -3.03 28.38 -17.82
C THR A 755 -1.90 27.35 -17.65
N LEU A 756 -1.06 27.54 -16.62
CA LEU A 756 0.06 26.65 -16.39
C LEU A 756 -0.39 25.27 -15.87
N LEU A 757 -1.40 25.26 -15.00
CA LEU A 757 -1.97 24.00 -14.57
C LEU A 757 -2.63 23.28 -15.74
N SER A 758 -3.22 24.02 -16.67
CA SER A 758 -3.82 23.41 -17.86
C SER A 758 -2.76 22.75 -18.77
N ARG A 759 -1.61 23.40 -18.92
CA ARG A 759 -0.49 22.84 -19.68
C ARG A 759 -0.03 21.53 -19.06
N TYR A 760 0.03 21.55 -17.72
CA TYR A 760 0.49 20.42 -16.93
C TYR A 760 -0.45 19.25 -17.13
N LEU A 761 -1.76 19.51 -17.07
CA LEU A 761 -2.73 18.44 -17.30
C LEU A 761 -2.56 17.83 -18.69
N ASP A 762 -2.37 18.66 -19.72
CA ASP A 762 -2.08 18.20 -21.07
C ASP A 762 -0.84 17.30 -21.18
N LEU A 763 0.18 17.57 -20.35
CA LEU A 763 1.41 16.75 -20.29
C LEU A 763 1.17 15.31 -19.87
N LEU A 764 0.11 15.11 -19.10
CA LEU A 764 -0.27 13.77 -18.67
C LEU A 764 -0.48 12.78 -19.84
N LYS A 765 -0.85 13.29 -21.02
CA LYS A 765 -1.02 12.47 -22.23
C LYS A 765 0.27 12.23 -22.98
N ASP A 766 1.35 12.86 -22.50
CA ASP A 766 2.63 12.79 -23.18
C ASP A 766 3.65 11.92 -22.41
N THR A 767 3.84 10.70 -22.93
CA THR A 767 4.66 9.68 -22.29
C THR A 767 6.18 9.90 -22.39
N ASN A 768 6.57 10.90 -23.18
CA ASN A 768 7.96 11.36 -23.20
C ASN A 768 8.29 12.25 -22.01
N LEU A 769 7.25 12.85 -21.41
CA LEU A 769 7.37 13.80 -20.29
C LEU A 769 6.94 13.22 -18.94
N ILE A 770 5.69 12.74 -18.84
CA ILE A 770 5.24 12.06 -17.63
C ILE A 770 5.18 10.55 -17.86
N LYS A 771 5.86 9.80 -17.01
CA LYS A 771 5.79 8.35 -17.06
C LYS A 771 4.41 7.88 -16.65
N THR A 772 3.98 6.78 -17.27
CA THR A 772 2.72 6.10 -16.99
C THR A 772 2.48 5.82 -15.51
N GLN A 773 3.52 5.44 -14.80
CA GLN A 773 3.48 5.19 -13.36
C GLN A 773 3.14 6.44 -12.54
N ASP A 774 3.26 7.62 -13.14
CA ASP A 774 3.24 8.85 -12.36
C ASP A 774 2.02 9.69 -12.58
N VAL A 775 1.18 9.26 -13.52
CA VAL A 775 0.05 10.06 -13.95
C VAL A 775 -0.89 10.31 -12.78
N PHE A 776 -1.20 9.28 -12.02
CA PHE A 776 -2.16 9.47 -10.92
C PHE A 776 -1.59 10.28 -9.76
N THR A 777 -0.28 10.15 -9.56
CA THR A 777 0.39 10.99 -8.60
C THR A 777 0.22 12.46 -8.97
N VAL A 778 0.42 12.77 -10.25
CA VAL A 778 0.34 14.16 -10.70
C VAL A 778 -1.08 14.69 -10.57
N ILE A 779 -2.05 13.88 -10.97
CA ILE A 779 -3.45 14.27 -10.86
C ILE A 779 -3.81 14.64 -9.40
N ARG A 780 -3.35 13.82 -8.47
CA ARG A 780 -3.62 14.00 -7.07
C ARG A 780 -2.97 15.32 -6.58
N TYR A 781 -1.69 15.55 -6.92
CA TYR A 781 -1.02 16.82 -6.62
C TYR A 781 -1.81 18.06 -7.08
N ILE A 782 -2.24 18.04 -8.34
CA ILE A 782 -3.00 19.13 -8.91
C ILE A 782 -4.30 19.35 -8.13
N SER A 783 -4.93 18.24 -7.74
CA SER A 783 -6.16 18.28 -6.96
C SER A 783 -6.02 19.02 -5.63
N TYR A 784 -4.80 19.06 -5.08
CA TYR A 784 -4.52 19.76 -3.80
C TYR A 784 -4.44 21.28 -3.97
N ASN A 785 -4.21 21.74 -5.19
CA ASN A 785 -4.09 23.16 -5.55
C ASN A 785 -5.45 23.86 -5.48
N SER A 786 -5.48 25.06 -4.92
CA SER A 786 -6.76 25.76 -4.73
C SER A 786 -7.56 25.88 -5.99
N TYR A 787 -6.87 26.02 -7.12
CA TYR A 787 -7.52 26.06 -8.43
C TYR A 787 -7.74 24.65 -8.97
N GLY A 788 -6.71 23.83 -8.83
CA GLY A 788 -6.70 22.47 -9.34
C GLY A 788 -7.56 21.44 -8.64
N LYS A 789 -8.06 21.75 -7.44
CA LYS A 789 -9.05 20.88 -6.80
C LYS A 789 -10.12 20.61 -7.84
N ASN A 790 -10.59 21.70 -8.47
CA ASN A 790 -11.59 21.57 -9.50
C ASN A 790 -11.09 21.19 -10.89
N MET A 791 -9.88 21.61 -11.23
CA MET A 791 -9.32 21.27 -12.53
C MET A 791 -9.09 19.78 -12.71
N ALA A 792 -8.43 19.14 -11.74
CA ALA A 792 -8.16 17.72 -11.78
C ALA A 792 -9.44 16.90 -11.81
N TRP A 793 -10.40 17.31 -10.97
CA TRP A 793 -11.70 16.65 -10.91
C TRP A 793 -12.41 16.72 -12.26
N ASN A 794 -12.37 17.88 -12.89
CA ASN A 794 -12.98 18.09 -14.20
C ASN A 794 -12.24 17.31 -15.31
N TRP A 795 -10.91 17.35 -15.26
CA TRP A 795 -10.10 16.66 -16.23
C TRP A 795 -10.33 15.16 -16.22
N ILE A 796 -10.41 14.52 -15.04
CA ILE A 796 -10.61 13.07 -15.03
C ILE A 796 -12.00 12.75 -15.57
N GLN A 797 -12.94 13.68 -15.43
CA GLN A 797 -14.26 13.44 -16.03
C GLN A 797 -14.20 13.51 -17.55
N LEU A 798 -13.62 14.58 -18.08
CA LEU A 798 -13.56 14.79 -19.52
C LEU A 798 -12.74 13.68 -20.19
N ASN A 799 -11.79 13.12 -19.44
CA ASN A 799 -10.84 12.21 -20.02
C ASN A 799 -10.99 10.80 -19.44
N TRP A 800 -12.16 10.53 -18.86
CA TRP A 800 -12.44 9.20 -18.32
C TRP A 800 -12.28 8.06 -19.37
N ASP A 801 -12.90 8.17 -20.54
CA ASP A 801 -12.77 7.13 -21.58
C ASP A 801 -11.30 6.84 -21.97
N TYR A 802 -10.52 7.92 -22.12
CA TYR A 802 -9.09 7.85 -22.34
C TYR A 802 -8.31 7.14 -21.21
N LEU A 803 -8.70 7.38 -19.95
CA LEU A 803 -7.98 6.76 -18.84
C LEU A 803 -8.29 5.28 -18.74
N VAL A 804 -9.56 4.94 -18.97
CA VAL A 804 -9.99 3.56 -18.91
C VAL A 804 -9.29 2.74 -20.02
N ASN A 805 -9.26 3.30 -21.22
CA ASN A 805 -8.59 2.68 -22.35
C ASN A 805 -7.08 2.49 -22.10
N ARG A 806 -6.45 3.48 -21.49
CA ARG A 806 -5.02 3.42 -21.18
C ARG A 806 -4.69 2.45 -20.03
N TYR A 807 -5.54 2.38 -19.01
CA TYR A 807 -5.20 1.64 -17.80
C TYR A 807 -6.05 0.41 -17.57
N THR A 808 -7.26 0.38 -18.14
CA THR A 808 -8.28 -0.65 -17.86
C THR A 808 -8.92 -0.54 -16.48
N LEU A 809 -10.16 -1.02 -16.38
CA LEU A 809 -10.94 -0.91 -15.17
C LEU A 809 -10.38 -1.78 -14.06
N ASN A 810 -9.44 -2.63 -14.41
CA ASN A 810 -8.81 -3.51 -13.44
C ASN A 810 -7.65 -2.81 -12.73
N ASN A 811 -7.36 -1.58 -13.14
CA ASN A 811 -6.22 -0.86 -12.54
C ASN A 811 -6.62 -0.18 -11.23
N ARG A 812 -5.91 -0.55 -10.18
CA ARG A 812 -6.13 -0.11 -8.79
C ARG A 812 -6.04 1.40 -8.66
N ASN A 813 -4.96 1.97 -9.18
CA ASN A 813 -4.72 3.40 -9.07
C ASN A 813 -5.80 4.21 -9.78
N LEU A 814 -6.29 3.70 -10.90
CA LEU A 814 -7.39 4.36 -11.62
C LEU A 814 -8.71 4.32 -10.84
N GLY A 815 -9.04 3.19 -10.24
CA GLY A 815 -10.24 3.11 -9.41
C GLY A 815 -10.21 4.07 -8.22
N ARG A 816 -9.02 4.26 -7.65
CA ARG A 816 -8.85 5.10 -6.49
C ARG A 816 -8.81 6.62 -6.80
N ILE A 817 -8.64 6.97 -8.08
CA ILE A 817 -8.45 8.40 -8.40
C ILE A 817 -9.63 9.29 -8.00
N VAL A 818 -10.84 8.72 -7.93
CA VAL A 818 -12.03 9.48 -7.50
C VAL A 818 -11.90 10.04 -6.08
N THR A 819 -10.97 9.53 -5.29
CA THR A 819 -10.79 10.01 -3.93
C THR A 819 -10.21 11.44 -3.86
N ILE A 820 -9.84 11.99 -5.02
CA ILE A 820 -9.49 13.40 -5.06
C ILE A 820 -10.69 14.28 -4.73
N ALA A 821 -11.87 13.67 -4.70
CA ALA A 821 -13.12 14.35 -4.38
C ALA A 821 -13.38 14.37 -2.86
N GLU A 822 -12.48 13.80 -2.07
CA GLU A 822 -12.65 13.73 -0.61
C GLU A 822 -12.94 15.06 0.11
N PRO A 823 -12.29 16.17 -0.29
CA PRO A 823 -12.57 17.44 0.39
C PRO A 823 -13.92 18.04 0.02
N PHE A 824 -14.68 17.43 -0.88
CA PHE A 824 -15.98 18.02 -1.23
C PHE A 824 -16.94 17.99 -0.06
N ASN A 825 -17.72 19.07 0.07
CA ASN A 825 -18.57 19.24 1.25
C ASN A 825 -19.89 19.97 1.04
N THR A 826 -20.38 19.99 -0.19
CA THR A 826 -21.68 20.58 -0.49
C THR A 826 -22.56 19.60 -1.25
N GLU A 827 -23.86 19.88 -1.23
CA GLU A 827 -24.83 19.13 -1.98
C GLU A 827 -24.61 19.28 -3.48
N LEU A 828 -24.10 20.41 -3.91
CA LEU A 828 -23.78 20.63 -5.32
C LEU A 828 -22.68 19.66 -5.77
N GLN A 829 -21.59 19.63 -5.01
CA GLN A 829 -20.47 18.78 -5.32
C GLN A 829 -20.87 17.31 -5.30
N LEU A 830 -21.61 16.90 -4.26
CA LEU A 830 -22.15 15.54 -4.19
C LEU A 830 -22.99 15.19 -5.44
N TRP A 831 -23.84 16.11 -5.89
CA TRP A 831 -24.64 15.88 -7.11
C TRP A 831 -23.76 15.65 -8.37
N GLN A 832 -22.67 16.43 -8.50
CA GLN A 832 -21.71 16.30 -9.57
C GLN A 832 -21.09 14.91 -9.56
N MET A 833 -20.62 14.48 -8.39
CA MET A 833 -20.06 13.14 -8.24
C MET A 833 -21.04 12.06 -8.67
N GLU A 834 -22.25 12.11 -8.13
CA GLU A 834 -23.28 11.14 -8.43
C GLU A 834 -23.65 11.12 -9.91
N SER A 835 -23.75 12.28 -10.55
CA SER A 835 -24.04 12.36 -11.97
C SER A 835 -22.93 11.74 -12.82
N PHE A 836 -21.68 11.94 -12.41
CA PHE A 836 -20.57 11.40 -13.14
C PHE A 836 -20.53 9.88 -12.98
N PHE A 837 -20.72 9.41 -11.74
CA PHE A 837 -20.75 7.97 -11.49
C PHE A 837 -21.88 7.29 -12.25
N ALA A 838 -23.04 7.94 -12.35
CA ALA A 838 -24.17 7.37 -13.05
C ALA A 838 -23.91 7.33 -14.56
N LYS A 839 -23.06 8.23 -15.06
CA LYS A 839 -22.78 8.27 -16.47
C LYS A 839 -21.78 7.17 -16.82
N TYR A 840 -20.88 6.86 -15.88
CA TYR A 840 -19.88 5.82 -16.05
C TYR A 840 -20.00 4.76 -14.96
N PRO A 841 -21.10 3.97 -14.99
CA PRO A 841 -21.43 3.08 -13.89
C PRO A 841 -20.56 1.80 -13.84
N GLN A 842 -19.73 1.55 -14.86
CA GLN A 842 -18.78 0.41 -14.82
C GLN A 842 -17.58 0.88 -14.03
N ALA A 843 -17.49 0.49 -12.77
CA ALA A 843 -16.50 1.15 -11.91
C ALA A 843 -15.23 0.33 -11.80
N GLY A 844 -15.35 -0.96 -12.10
CA GLY A 844 -14.26 -1.92 -11.94
C GLY A 844 -13.65 -1.86 -10.55
N ALA A 845 -12.32 -1.69 -10.51
CA ALA A 845 -11.61 -1.63 -9.24
C ALA A 845 -11.88 -0.31 -8.48
N GLY A 846 -12.75 0.53 -9.03
CA GLY A 846 -13.09 1.80 -8.39
C GLY A 846 -14.39 1.73 -7.62
N GLU A 847 -15.00 0.55 -7.60
CA GLU A 847 -16.31 0.39 -6.97
C GLU A 847 -16.30 0.75 -5.47
N LYS A 848 -15.38 0.18 -4.70
CA LYS A 848 -15.24 0.53 -3.29
C LYS A 848 -14.83 2.00 -3.06
N PRO A 849 -13.75 2.45 -3.73
CA PRO A 849 -13.37 3.86 -3.60
C PRO A 849 -14.53 4.83 -3.88
N ARG A 850 -15.37 4.54 -4.87
CA ARG A 850 -16.55 5.37 -5.10
C ARG A 850 -17.49 5.37 -3.90
N GLU A 851 -17.83 4.18 -3.39
CA GLU A 851 -18.63 4.05 -2.18
C GLU A 851 -18.04 4.85 -1.03
N GLN A 852 -16.73 4.74 -0.85
CA GLN A 852 -16.05 5.40 0.27
C GLN A 852 -16.08 6.93 0.12
N VAL A 853 -15.74 7.44 -1.06
CA VAL A 853 -15.71 8.89 -1.25
C VAL A 853 -17.13 9.51 -1.15
N LEU A 854 -18.17 8.79 -1.58
CA LEU A 854 -19.53 9.28 -1.41
C LEU A 854 -19.91 9.38 0.05
N GLU A 855 -19.58 8.36 0.83
CA GLU A 855 -19.84 8.37 2.24
C GLU A 855 -19.10 9.55 2.92
N THR A 856 -17.85 9.77 2.51
CA THR A 856 -17.05 10.87 3.02
C THR A 856 -17.65 12.25 2.72
N VAL A 857 -18.06 12.44 1.46
CA VAL A 857 -18.64 13.70 1.06
C VAL A 857 -19.98 13.94 1.75
N LYS A 858 -20.79 12.88 1.92
CA LYS A 858 -22.01 12.98 2.69
C LYS A 858 -21.76 13.37 4.16
N ASN A 859 -20.76 12.76 4.77
CA ASN A 859 -20.35 13.10 6.13
C ASN A 859 -19.88 14.55 6.24
N ASN A 860 -19.16 15.02 5.23
CA ASN A 860 -18.72 16.41 5.21
C ASN A 860 -19.89 17.36 5.25
N ILE A 861 -20.92 17.09 4.44
CA ILE A 861 -22.07 17.98 4.36
C ILE A 861 -22.75 18.07 5.75
N GLU A 862 -22.94 16.90 6.36
CA GLU A 862 -23.55 16.77 7.68
C GLU A 862 -22.71 17.51 8.69
N TRP A 863 -21.42 17.23 8.65
CA TRP A 863 -20.47 17.76 9.59
C TRP A 863 -20.56 19.28 9.63
N LEU A 864 -20.57 19.93 8.47
CA LEU A 864 -20.71 21.39 8.41
C LEU A 864 -21.98 21.89 9.08
N LYS A 865 -23.11 21.24 8.79
CA LYS A 865 -24.42 21.60 9.36
C LYS A 865 -24.40 21.50 10.90
N GLN A 866 -23.75 20.46 11.40
CA GLN A 866 -23.78 20.17 12.82
C GLN A 866 -22.82 21.02 13.64
N HIS A 867 -21.69 21.39 13.05
CA HIS A 867 -20.57 21.91 13.82
C HIS A 867 -20.12 23.34 13.55
N ARG A 868 -20.54 23.94 12.43
CA ARG A 868 -20.08 25.29 12.09
C ARG A 868 -20.21 26.29 13.23
N ASN A 869 -21.39 26.37 13.84
CA ASN A 869 -21.61 27.32 14.93
C ASN A 869 -20.77 27.06 16.19
N THR A 870 -20.67 25.79 16.58
CA THR A 870 -19.89 25.36 17.74
C THR A 870 -18.45 25.75 17.55
N ILE A 871 -17.89 25.41 16.38
CA ILE A 871 -16.49 25.70 16.12
C ILE A 871 -16.24 27.21 16.01
N ARG A 872 -17.16 27.92 15.37
CA ARG A 872 -17.17 29.38 15.38
C ARG A 872 -17.08 29.96 16.79
N GLU A 873 -17.98 29.52 17.66
CA GLU A 873 -18.04 30.04 19.03
C GLU A 873 -16.73 29.83 19.78
N TRP A 874 -16.20 28.62 19.73
CA TRP A 874 -14.93 28.33 20.38
C TRP A 874 -13.83 29.29 19.95
N PHE A 875 -13.71 29.53 18.64
CA PHE A 875 -12.68 30.41 18.12
C PHE A 875 -12.96 31.89 18.36
N PHE A 876 -14.22 32.32 18.18
CA PHE A 876 -14.58 33.72 18.42
C PHE A 876 -14.32 34.13 19.86
N ASN A 877 -14.77 33.29 20.80
CA ASN A 877 -14.62 33.51 22.24
C ASN A 877 -13.17 33.51 22.67
N LEU A 878 -12.35 32.72 22.00
CA LEU A 878 -10.95 32.61 22.34
C LEU A 878 -10.12 33.80 21.84
N LEU A 879 -10.34 34.22 20.59
CA LEU A 879 -9.44 35.18 19.94
C LEU A 879 -9.75 36.64 20.24
N VAL B 2 4.09 -2.81 -2.16
CA VAL B 2 3.60 -1.56 -1.70
C VAL B 2 2.89 -0.95 -2.89
N VAL B 3 1.77 -0.30 -2.63
CA VAL B 3 0.92 0.18 -3.67
C VAL B 3 1.44 1.45 -4.31
N ASP B 4 2.46 2.01 -3.72
CA ASP B 4 2.79 3.40 -3.75
C ASP B 4 1.75 4.46 -3.88
#